data_7M00
#
_entry.id   7M00
#
_cell.length_a   45.744
_cell.length_b   53.544
_cell.length_c   113.423
_cell.angle_alpha   90.000
_cell.angle_beta   101.250
_cell.angle_gamma   90.000
#
_symmetry.space_group_name_H-M   'P 1 21 1'
#
loop_
_entity.id
_entity.type
_entity.pdbx_description
1 polymer '3C-like proteinase'
2 non-polymer '(1R,2S)-2-((S)-2-((((2-(4,4-difluorocyclohexyl)propan-2-yl)oxy)carbonyl)amino)-4-methylpentanamido)-1-hydroxy-3-((R)-2-oxo-3,4-dihydro-2H-pyrrol-3-yl)propane-1-sulfonic acid'
3 non-polymer '(1S,2S)-2-((S)-2-((((2-(4,4-difluorocyclohexyl)propan-2-yl)oxy)carbonyl)amino)-4-methylpentanamido)-1-hydroxy-3-((R)-2-oxo-3,4-dihydro-2H-pyrrol-3-yl)propane-1-sulfonic acid'
4 water water
#
_entity_poly.entity_id   1
_entity_poly.type   'polypeptide(L)'
_entity_poly.pdbx_seq_one_letter_code
;SNIGSGFRKMAFPSGKVEGCMVQVTCGTTTLNGLWLDDVVYCPRHVICTSEDMLNPNYEDLLIRKSNHNFLVQAGNVQLR
VIGHSMQNCVLKLKVDTANPKTPKYKFVRIQPGQTFSVLACYNGSPSGVYQCAMRPNFTIKGSFLNGSCGSVGFNIDYDC
VSFCYMHHMELPTGVHAGTDLEGNFYGPFVDRQTAQAAGTDTTITVNVLAWLYAAVINGDRWFLNRFTTTLNDFNLVAMK
YNYEPLTQDHVDILGPLSAQTGIAVLDMCASLKELLQNGMNGRTILGSALLEDEFTPFDVVRQCSGVTF
;
_entity_poly.pdbx_strand_id   A,B
#
loop_
_chem_comp.id
_chem_comp.type
_chem_comp.name
_chem_comp.formula
YKA non-polymer '(1R,2S)-2-((S)-2-((((2-(4,4-difluorocyclohexyl)propan-2-yl)oxy)carbonyl)amino)-4-methylpentanamido)-1-hydroxy-3-((R)-2-oxo-3,4-dihydro-2H-pyrrol-3-yl)propane-1-sulfonic acid' 'C23 H37 F2 N3 O8 S'
YKD non-polymer '(1S,2S)-2-((S)-2-((((2-(4,4-difluorocyclohexyl)propan-2-yl)oxy)carbonyl)amino)-4-methylpentanamido)-1-hydroxy-3-((R)-2-oxo-3,4-dihydro-2H-pyrrol-3-yl)propane-1-sulfonic acid' 'C23 H37 F2 N3 O8 S'
#
# COMPACT_ATOMS: atom_id res chain seq x y z
N PHE A 7 11.37 -2.68 -4.63
CA PHE A 7 10.36 -3.66 -4.23
C PHE A 7 9.72 -3.28 -2.91
N ARG A 8 8.38 -3.30 -2.86
CA ARG A 8 7.67 -2.85 -1.67
C ARG A 8 6.24 -3.39 -1.68
N LYS A 9 5.52 -3.12 -0.58
CA LYS A 9 4.18 -3.67 -0.35
C LYS A 9 3.17 -2.95 -1.22
N MET A 10 2.59 -3.66 -2.18
CA MET A 10 1.74 -3.09 -3.20
C MET A 10 0.34 -3.65 -3.08
N ALA A 11 -0.65 -2.78 -3.05
CA ALA A 11 -2.04 -3.20 -3.01
C ALA A 11 -2.61 -3.15 -4.42
N PHE A 12 -3.68 -3.91 -4.64
CA PHE A 12 -4.42 -3.77 -5.87
C PHE A 12 -5.07 -2.41 -5.98
N PRO A 13 -5.27 -1.91 -7.19
CA PRO A 13 -6.09 -0.71 -7.36
C PRO A 13 -7.49 -0.96 -6.79
N SER A 14 -8.04 0.04 -6.13
CA SER A 14 -9.22 -0.13 -5.31
C SER A 14 -10.49 0.42 -5.96
N GLY A 15 -10.39 0.97 -7.17
CA GLY A 15 -11.54 1.60 -7.80
C GLY A 15 -12.79 0.73 -7.84
N LYS A 16 -12.64 -0.53 -8.26
CA LYS A 16 -13.81 -1.39 -8.40
C LYS A 16 -14.51 -1.61 -7.08
N VAL A 17 -13.79 -1.47 -5.96
CA VAL A 17 -14.37 -1.74 -4.66
C VAL A 17 -14.91 -0.47 -4.02
N GLU A 18 -14.25 0.67 -4.26
CA GLU A 18 -14.77 1.95 -3.79
C GLU A 18 -16.22 2.15 -4.18
N GLY A 19 -16.58 1.75 -5.40
CA GLY A 19 -17.94 1.87 -5.89
C GLY A 19 -18.96 0.97 -5.22
N CYS A 20 -18.53 0.09 -4.32
CA CYS A 20 -19.41 -0.83 -3.61
C CYS A 20 -19.63 -0.45 -2.15
N MET A 21 -18.97 0.57 -1.65
CA MET A 21 -18.96 0.82 -0.23
C MET A 21 -20.14 1.73 0.10
N VAL A 22 -20.90 1.35 1.11
CA VAL A 22 -22.01 2.14 1.59
C VAL A 22 -21.89 2.24 3.10
N GLN A 23 -22.73 3.09 3.65
CA GLN A 23 -22.82 3.32 5.08
C GLN A 23 -24.10 2.64 5.56
N VAL A 24 -23.99 1.88 6.65
CA VAL A 24 -25.13 1.17 7.21
C VAL A 24 -25.28 1.64 8.64
N THR A 25 -26.46 2.14 8.96
CA THR A 25 -26.80 2.56 10.31
C THR A 25 -28.00 1.78 10.80
N CYS A 26 -27.93 1.38 12.07
CA CYS A 26 -29.01 0.71 12.77
C CYS A 26 -28.97 1.29 14.16
N GLY A 27 -29.98 2.09 14.52
CA GLY A 27 -29.93 2.80 15.79
C GLY A 27 -28.84 3.85 15.76
N THR A 28 -27.96 3.80 16.77
CA THR A 28 -26.82 4.70 16.86
C THR A 28 -25.58 4.14 16.16
N THR A 29 -25.49 2.82 16.04
CA THR A 29 -24.29 2.18 15.49
C THR A 29 -24.22 2.38 13.97
N THR A 30 -23.05 2.78 13.49
CA THR A 30 -22.83 2.96 12.05
C THR A 30 -21.58 2.19 11.62
N LEU A 31 -21.64 1.58 10.45
CA LEU A 31 -20.46 0.91 9.92
C LEU A 31 -20.59 0.83 8.41
N ASN A 32 -19.64 0.13 7.80
CA ASN A 32 -19.57 -0.01 6.36
C ASN A 32 -20.26 -1.28 5.91
N GLY A 33 -20.90 -1.19 4.74
CA GLY A 33 -21.44 -2.35 4.09
C GLY A 33 -20.95 -2.39 2.66
N LEU A 34 -21.08 -3.56 2.06
CA LEU A 34 -20.64 -3.84 0.70
C LEU A 34 -21.87 -4.09 -0.15
N TRP A 35 -22.11 -3.21 -1.13
CA TRP A 35 -23.32 -3.23 -1.95
C TRP A 35 -23.02 -3.87 -3.31
N LEU A 36 -23.50 -5.09 -3.50
CA LEU A 36 -23.32 -5.83 -4.75
C LEU A 36 -24.68 -6.32 -5.26
N ASP A 37 -24.98 -6.04 -6.54
CA ASP A 37 -26.32 -6.32 -7.09
C ASP A 37 -27.31 -5.65 -6.15
N ASP A 38 -28.36 -6.32 -5.70
CA ASP A 38 -29.34 -5.71 -4.81
C ASP A 38 -29.16 -6.12 -3.35
N VAL A 39 -27.95 -6.48 -2.96
CA VAL A 39 -27.67 -6.94 -1.60
C VAL A 39 -26.59 -6.06 -0.99
N VAL A 40 -26.80 -5.68 0.26
CA VAL A 40 -25.76 -5.04 1.05
C VAL A 40 -25.37 -6.01 2.14
N TYR A 41 -24.07 -6.27 2.24
CA TYR A 41 -23.48 -7.15 3.24
C TYR A 41 -22.79 -6.30 4.30
N CYS A 42 -23.02 -6.59 5.58
CA CYS A 42 -22.29 -5.91 6.62
C CYS A 42 -22.19 -6.80 7.87
N PRO A 43 -21.30 -6.46 8.79
CA PRO A 43 -21.22 -7.22 10.04
C PRO A 43 -22.53 -7.13 10.82
N ARG A 44 -22.91 -8.25 11.40
CA ARG A 44 -24.18 -8.31 12.10
C ARG A 44 -24.16 -7.53 13.40
N HIS A 45 -22.98 -7.20 13.93
CA HIS A 45 -22.99 -6.43 15.18
C HIS A 45 -23.37 -4.98 14.97
N VAL A 46 -23.72 -4.60 13.74
CA VAL A 46 -24.32 -3.28 13.57
C VAL A 46 -25.60 -3.16 14.37
N ILE A 47 -26.26 -4.29 14.68
CA ILE A 47 -27.52 -4.24 15.40
C ILE A 47 -27.32 -4.16 16.91
N CYS A 48 -26.08 -4.11 17.37
CA CYS A 48 -25.81 -4.16 18.78
C CYS A 48 -25.69 -2.75 19.34
N THR A 49 -26.26 -2.57 20.52
CA THR A 49 -25.97 -1.39 21.32
C THR A 49 -24.66 -1.61 22.05
N SER A 50 -24.14 -0.54 22.67
CA SER A 50 -22.91 -0.69 23.43
C SER A 50 -23.04 -1.80 24.47
N GLU A 51 -24.22 -1.90 25.10
CA GLU A 51 -24.42 -2.92 26.12
C GLU A 51 -24.37 -4.33 25.54
N ASP A 52 -25.08 -4.57 24.43
CA ASP A 52 -25.19 -5.90 23.86
C ASP A 52 -23.84 -6.58 23.66
N MET A 53 -22.80 -5.79 23.36
CA MET A 53 -21.61 -6.32 22.70
C MET A 53 -20.82 -7.27 23.59
N LEU A 54 -21.08 -7.29 24.90
CA LEU A 54 -20.37 -8.20 25.79
C LEU A 54 -20.86 -9.64 25.67
N ASN A 55 -22.15 -9.84 25.41
CA ASN A 55 -22.62 -11.18 25.07
C ASN A 55 -23.96 -11.14 24.34
N PRO A 56 -23.93 -10.81 23.05
CA PRO A 56 -25.18 -10.57 22.31
C PRO A 56 -25.86 -11.88 21.95
N ASN A 57 -27.19 -11.88 22.03
CA ASN A 57 -28.00 -12.94 21.45
C ASN A 57 -28.46 -12.36 20.12
N TYR A 58 -27.70 -12.63 19.03
CA TYR A 58 -27.97 -11.95 17.77
C TYR A 58 -29.34 -12.32 17.21
N GLU A 59 -29.76 -13.58 17.35
CA GLU A 59 -31.08 -13.95 16.88
C GLU A 59 -32.17 -13.11 17.56
N ASP A 60 -32.16 -13.09 18.90
CA ASP A 60 -33.10 -12.24 19.63
C ASP A 60 -32.98 -10.77 19.22
N LEU A 61 -31.76 -10.26 19.15
CA LEU A 61 -31.59 -8.84 18.85
C LEU A 61 -32.18 -8.50 17.49
N LEU A 62 -32.02 -9.40 16.53
CA LEU A 62 -32.45 -9.11 15.18
C LEU A 62 -33.98 -9.21 15.04
N ILE A 63 -34.58 -10.19 15.70
CA ILE A 63 -36.03 -10.32 15.81
C ILE A 63 -36.63 -8.92 15.97
N ARG A 64 -36.06 -8.13 16.88
CA ARG A 64 -36.63 -6.83 17.18
C ARG A 64 -36.43 -5.79 16.08
N LYS A 65 -35.56 -6.04 15.10
CA LYS A 65 -35.31 -5.06 14.05
C LYS A 65 -36.21 -5.36 12.85
N SER A 66 -36.70 -4.29 12.21
CA SER A 66 -37.42 -4.37 10.94
C SER A 66 -36.60 -3.69 9.83
N ASN A 67 -37.00 -3.92 8.56
CA ASN A 67 -36.26 -3.34 7.44
C ASN A 67 -36.00 -1.84 7.61
N HIS A 68 -37.01 -1.08 8.07
CA HIS A 68 -36.83 0.38 8.11
C HIS A 68 -35.97 0.85 9.28
N ASN A 69 -35.58 -0.02 10.21
CA ASN A 69 -34.53 0.32 11.17
C ASN A 69 -33.12 0.30 10.56
N PHE A 70 -32.97 -0.11 9.30
CA PHE A 70 -31.68 -0.15 8.64
C PHE A 70 -31.61 0.97 7.62
N LEU A 71 -30.84 2.00 7.94
CA LEU A 71 -30.59 3.12 7.03
C LEU A 71 -29.32 2.83 6.25
N VAL A 72 -29.46 2.62 4.94
CA VAL A 72 -28.33 2.40 4.05
C VAL A 72 -28.18 3.63 3.19
N GLN A 73 -26.95 4.11 3.07
CA GLN A 73 -26.65 5.35 2.37
C GLN A 73 -25.44 5.14 1.49
N ALA A 74 -25.59 5.40 0.20
CA ALA A 74 -24.49 5.42 -0.75
C ALA A 74 -24.30 6.88 -1.19
N GLY A 75 -23.52 7.62 -0.41
CA GLY A 75 -23.27 9.01 -0.71
C GLY A 75 -24.50 9.91 -0.63
N GLN A 78 -29.92 7.74 0.20
CA GLN A 78 -30.42 6.64 1.02
C GLN A 78 -31.06 5.56 0.16
N LEU A 79 -30.63 4.31 0.36
CA LEU A 79 -31.24 3.16 -0.30
C LEU A 79 -32.36 2.62 0.58
N ARG A 80 -33.40 2.10 -0.07
CA ARG A 80 -34.56 1.56 0.63
C ARG A 80 -34.39 0.06 0.85
N VAL A 81 -34.48 -0.36 2.11
CA VAL A 81 -34.27 -1.74 2.52
C VAL A 81 -35.61 -2.49 2.47
N ILE A 82 -35.65 -3.62 1.75
CA ILE A 82 -36.88 -4.36 1.53
C ILE A 82 -36.81 -5.80 2.06
N GLY A 83 -35.81 -6.13 2.87
CA GLY A 83 -35.63 -7.49 3.32
C GLY A 83 -34.30 -7.65 4.02
N HIS A 84 -34.23 -8.54 5.00
CA HIS A 84 -33.03 -8.68 5.81
C HIS A 84 -32.93 -10.11 6.29
N SER A 85 -31.74 -10.70 6.16
CA SER A 85 -31.45 -12.02 6.73
C SER A 85 -30.06 -11.98 7.38
N MET A 86 -29.86 -12.87 8.34
CA MET A 86 -28.58 -13.08 8.98
C MET A 86 -27.98 -14.38 8.44
N GLN A 87 -26.77 -14.30 7.88
CA GLN A 87 -26.04 -15.50 7.46
C GLN A 87 -24.77 -15.58 8.28
N ASN A 88 -24.70 -16.55 9.17
CA ASN A 88 -23.57 -16.64 10.08
C ASN A 88 -23.38 -15.27 10.72
N CYS A 89 -22.19 -14.68 10.63
CA CYS A 89 -21.90 -13.42 11.28
C CYS A 89 -22.10 -12.18 10.39
N VAL A 90 -22.74 -12.32 9.22
CA VAL A 90 -23.03 -11.14 8.41
C VAL A 90 -24.52 -10.98 8.24
N LEU A 91 -24.91 -9.71 8.14
CA LEU A 91 -26.26 -9.32 7.79
C LEU A 91 -26.34 -9.08 6.29
N LYS A 92 -27.37 -9.61 5.67
CA LYS A 92 -27.69 -9.33 4.27
C LYS A 92 -28.95 -8.48 4.22
N LEU A 93 -28.81 -7.26 3.71
CA LEU A 93 -29.91 -6.34 3.51
C LEU A 93 -30.28 -6.33 2.04
N LYS A 94 -31.50 -6.73 1.73
CA LYS A 94 -31.99 -6.64 0.37
C LYS A 94 -32.49 -5.22 0.15
N VAL A 95 -32.01 -4.57 -0.91
CA VAL A 95 -32.39 -3.20 -1.21
C VAL A 95 -33.10 -3.23 -2.57
N ASP A 96 -33.77 -2.11 -2.90
CA ASP A 96 -34.61 -2.06 -4.10
C ASP A 96 -33.86 -1.64 -5.34
N THR A 97 -32.65 -1.09 -5.19
CA THR A 97 -31.81 -0.66 -6.29
C THR A 97 -30.59 -1.59 -6.36
N ALA A 98 -30.30 -2.10 -7.56
CA ALA A 98 -29.06 -2.83 -7.77
C ALA A 98 -27.94 -1.82 -7.97
N ASN A 99 -26.76 -2.14 -7.43
CA ASN A 99 -25.67 -1.19 -7.52
C ASN A 99 -25.24 -1.04 -8.98
N PRO A 100 -25.45 0.11 -9.61
CA PRO A 100 -25.01 0.25 -11.01
C PRO A 100 -23.51 0.06 -11.17
N LYS A 101 -22.73 0.22 -10.10
CA LYS A 101 -21.29 0.09 -10.17
C LYS A 101 -20.81 -1.30 -9.76
N THR A 102 -21.67 -2.31 -9.81
CA THR A 102 -21.26 -3.64 -9.39
C THR A 102 -20.22 -4.20 -10.36
N PRO A 103 -19.01 -4.53 -9.88
CA PRO A 103 -18.03 -5.22 -10.73
C PRO A 103 -18.34 -6.70 -10.85
N LYS A 104 -17.69 -7.35 -11.83
CA LYS A 104 -17.60 -8.79 -11.81
C LYS A 104 -16.95 -9.23 -10.49
N TYR A 105 -17.56 -10.20 -9.82
CA TYR A 105 -17.07 -10.52 -8.49
C TYR A 105 -17.41 -11.95 -8.14
N LYS A 106 -16.62 -12.48 -7.21
CA LYS A 106 -16.90 -13.74 -6.55
C LYS A 106 -16.52 -13.59 -5.08
N PHE A 107 -17.10 -14.48 -4.27
CA PHE A 107 -16.74 -14.63 -2.87
C PHE A 107 -15.83 -15.84 -2.73
N VAL A 108 -14.69 -15.66 -2.10
CA VAL A 108 -13.79 -16.78 -1.90
C VAL A 108 -13.32 -16.80 -0.45
N ARG A 109 -12.97 -17.98 0.02
CA ARG A 109 -12.41 -18.12 1.36
C ARG A 109 -10.94 -18.43 1.18
N ILE A 110 -10.08 -17.50 1.60
CA ILE A 110 -8.64 -17.68 1.36
C ILE A 110 -8.05 -18.61 2.41
N GLN A 111 -6.95 -19.13 2.07
CA GLN A 111 -6.09 -19.98 2.87
C GLN A 111 -5.09 -19.13 3.64
N PRO A 112 -4.69 -19.58 4.82
CA PRO A 112 -3.57 -18.95 5.52
C PRO A 112 -2.33 -18.92 4.64
N GLY A 113 -1.56 -17.86 4.81
CA GLY A 113 -0.41 -17.58 4.00
C GLY A 113 -0.70 -16.78 2.75
N GLN A 114 -1.94 -16.76 2.29
CA GLN A 114 -2.31 -15.95 1.15
C GLN A 114 -2.46 -14.48 1.56
N THR A 115 -2.36 -13.60 0.58
CA THR A 115 -2.44 -12.15 0.76
C THR A 115 -3.67 -11.58 0.06
N PHE A 116 -3.95 -10.32 0.37
CA PHE A 116 -5.10 -9.60 -0.16
C PHE A 116 -4.96 -8.13 0.20
N SER A 117 -5.66 -7.30 -0.58
CA SER A 117 -5.69 -5.88 -0.32
C SER A 117 -6.90 -5.55 0.55
N VAL A 118 -6.74 -4.57 1.45
CA VAL A 118 -7.82 -4.08 2.30
C VAL A 118 -8.11 -2.65 1.93
N LEU A 119 -9.38 -2.36 1.68
CA LEU A 119 -9.85 -1.00 1.47
C LEU A 119 -10.48 -0.58 2.79
N ALA A 120 -9.73 0.17 3.57
CA ALA A 120 -10.16 0.62 4.89
C ALA A 120 -11.12 1.76 4.70
N CYS A 121 -12.32 1.63 5.29
CA CYS A 121 -13.39 2.60 5.14
C CYS A 121 -13.94 3.01 6.49
N TYR A 122 -14.49 4.22 6.52
CA TYR A 122 -15.15 4.82 7.68
C TYR A 122 -16.40 5.53 7.18
N ASN A 123 -17.54 5.25 7.80
CA ASN A 123 -18.83 5.83 7.41
C ASN A 123 -19.15 5.60 5.94
N GLY A 124 -18.74 4.45 5.42
CA GLY A 124 -18.98 4.16 4.03
C GLY A 124 -18.05 4.83 3.04
N SER A 125 -17.05 5.55 3.51
CA SER A 125 -16.14 6.25 2.62
C SER A 125 -14.74 5.66 2.70
N PRO A 126 -14.14 5.31 1.55
CA PRO A 126 -12.75 4.82 1.55
C PRO A 126 -11.79 5.85 2.10
N SER A 127 -10.92 5.40 3.01
CA SER A 127 -9.80 6.23 3.44
C SER A 127 -8.44 5.73 2.95
N GLY A 128 -8.22 4.44 2.75
CA GLY A 128 -6.92 3.98 2.31
C GLY A 128 -6.95 2.53 1.92
N VAL A 129 -5.86 2.09 1.29
CA VAL A 129 -5.75 0.72 0.83
C VAL A 129 -4.35 0.21 1.15
N TYR A 130 -4.28 -1.06 1.52
CA TYR A 130 -3.02 -1.64 1.92
C TYR A 130 -3.09 -3.15 1.78
N GLN A 131 -1.92 -3.78 1.78
CA GLN A 131 -1.79 -5.22 1.55
C GLN A 131 -1.61 -5.95 2.88
N CYS A 132 -2.35 -7.06 3.04
CA CYS A 132 -2.38 -7.87 4.24
C CYS A 132 -2.13 -9.32 3.88
N ALA A 133 -1.71 -10.10 4.87
CA ALA A 133 -1.72 -11.55 4.72
C ALA A 133 -2.60 -12.17 5.81
N MET A 134 -3.27 -13.25 5.45
CA MET A 134 -3.95 -14.12 6.42
C MET A 134 -2.88 -14.95 7.12
N ARG A 135 -2.67 -14.70 8.40
CA ARG A 135 -1.62 -15.39 9.13
C ARG A 135 -1.98 -16.87 9.31
N PRO A 136 -0.99 -17.70 9.60
CA PRO A 136 -1.28 -19.11 9.91
C PRO A 136 -2.31 -19.29 11.00
N ASN A 137 -2.35 -18.40 12.00
CA ASN A 137 -3.31 -18.47 13.09
C ASN A 137 -4.59 -17.72 12.77
N PHE A 138 -4.81 -17.41 11.50
CA PHE A 138 -6.04 -16.83 10.97
C PHE A 138 -6.32 -15.44 11.54
N THR A 139 -5.30 -14.68 11.92
CA THR A 139 -5.47 -13.25 12.17
C THR A 139 -4.88 -12.46 11.01
N ILE A 140 -5.13 -11.16 11.03
CA ILE A 140 -4.41 -10.27 10.13
C ILE A 140 -3.88 -9.11 10.92
N LYS A 141 -2.70 -8.64 10.51
CA LYS A 141 -2.08 -7.45 11.08
C LYS A 141 -2.51 -6.27 10.22
N GLY A 142 -3.64 -5.67 10.58
CA GLY A 142 -4.21 -4.58 9.83
C GLY A 142 -4.03 -3.24 10.50
N SER A 143 -4.70 -2.25 9.93
CA SER A 143 -4.80 -0.90 10.51
C SER A 143 -6.27 -0.51 10.46
N PHE A 144 -6.93 -0.67 11.60
CA PHE A 144 -8.36 -0.50 11.73
C PHE A 144 -8.66 0.28 13.00
N LEU A 145 -9.48 1.31 12.86
CA LEU A 145 -10.00 2.07 13.98
C LEU A 145 -11.49 1.76 14.17
N ASN A 146 -12.06 2.26 15.26
CA ASN A 146 -13.51 2.17 15.40
C ASN A 146 -14.19 2.72 14.15
N GLY A 147 -15.29 2.10 13.75
CA GLY A 147 -15.94 2.47 12.52
C GLY A 147 -15.44 1.76 11.27
N SER A 148 -14.37 0.99 11.36
CA SER A 148 -13.82 0.35 10.16
C SER A 148 -14.49 -0.97 9.80
N CYS A 149 -15.33 -1.51 10.68
CA CYS A 149 -15.95 -2.80 10.42
C CYS A 149 -16.79 -2.76 9.16
N GLY A 150 -16.85 -3.89 8.46
CA GLY A 150 -17.46 -3.93 7.16
C GLY A 150 -16.51 -3.56 6.02
N SER A 151 -15.39 -2.92 6.33
CA SER A 151 -14.29 -2.87 5.37
C SER A 151 -13.95 -4.27 4.88
N VAL A 152 -13.56 -4.39 3.60
CA VAL A 152 -13.38 -5.69 2.98
C VAL A 152 -11.97 -5.83 2.45
N GLY A 153 -11.53 -7.09 2.36
CA GLY A 153 -10.29 -7.45 1.70
C GLY A 153 -10.63 -8.22 0.44
N PHE A 154 -9.72 -8.16 -0.54
CA PHE A 154 -10.04 -8.64 -1.87
C PHE A 154 -8.76 -8.85 -2.67
N ASN A 155 -8.91 -9.63 -3.73
CA ASN A 155 -7.94 -9.73 -4.80
C ASN A 155 -8.61 -9.42 -6.13
N ILE A 156 -7.84 -8.93 -7.11
CA ILE A 156 -8.40 -8.66 -8.44
C ILE A 156 -7.75 -9.62 -9.42
N ASP A 157 -8.56 -10.37 -10.14
CA ASP A 157 -8.13 -11.30 -11.18
C ASP A 157 -8.70 -10.76 -12.50
N TYR A 158 -7.88 -9.98 -13.20
CA TYR A 158 -8.30 -9.42 -14.48
C TYR A 158 -9.41 -8.40 -14.27
N ASP A 159 -10.64 -8.74 -14.66
CA ASP A 159 -11.78 -7.87 -14.46
C ASP A 159 -12.58 -8.23 -13.21
N CYS A 160 -12.18 -9.28 -12.49
CA CYS A 160 -13.00 -9.93 -11.47
C CYS A 160 -12.46 -9.69 -10.07
N VAL A 161 -13.31 -9.14 -9.19
CA VAL A 161 -12.94 -8.89 -7.81
C VAL A 161 -13.30 -10.10 -6.97
N SER A 162 -12.33 -10.71 -6.31
CA SER A 162 -12.57 -11.81 -5.40
C SER A 162 -12.57 -11.28 -3.96
N PHE A 163 -13.76 -11.14 -3.39
CA PHE A 163 -13.88 -10.69 -2.01
C PHE A 163 -13.60 -11.84 -1.05
N CYS A 164 -12.71 -11.62 -0.09
CA CYS A 164 -12.28 -12.72 0.76
C CYS A 164 -12.36 -12.42 2.26
N TYR A 165 -12.58 -11.18 2.68
CA TYR A 165 -12.48 -10.81 4.10
C TYR A 165 -13.45 -9.66 4.35
N MET A 166 -14.12 -9.69 5.50
CA MET A 166 -14.80 -8.51 6.03
C MET A 166 -14.39 -8.33 7.47
N HIS A 167 -14.15 -7.07 7.86
CA HIS A 167 -13.50 -6.79 9.13
C HIS A 167 -14.57 -6.72 10.23
N HIS A 168 -14.28 -7.40 11.38
CA HIS A 168 -15.21 -7.44 12.53
C HIS A 168 -14.61 -6.99 13.85
N MET A 169 -13.34 -7.28 14.15
CA MET A 169 -12.90 -7.08 15.52
C MET A 169 -11.38 -7.03 15.65
N GLU A 170 -10.97 -6.45 16.77
CA GLU A 170 -9.58 -6.51 17.21
C GLU A 170 -9.44 -7.59 18.28
N LEU A 171 -8.23 -8.09 18.41
CA LEU A 171 -7.86 -9.14 19.35
C LEU A 171 -6.83 -8.58 20.33
N PRO A 172 -6.52 -9.28 21.42
CA PRO A 172 -5.78 -8.63 22.52
C PRO A 172 -4.38 -8.17 22.13
N THR A 173 -3.76 -8.80 21.13
CA THR A 173 -2.41 -8.43 20.73
C THR A 173 -2.38 -7.29 19.71
N GLY A 174 -3.53 -6.66 19.45
CA GLY A 174 -3.63 -5.63 18.42
C GLY A 174 -3.83 -6.14 17.02
N VAL A 175 -3.79 -7.46 16.80
CA VAL A 175 -4.11 -8.00 15.48
C VAL A 175 -5.63 -8.05 15.31
N HIS A 176 -6.07 -8.48 14.14
CA HIS A 176 -7.45 -8.28 13.74
C HIS A 176 -8.06 -9.59 13.29
N ALA A 177 -9.38 -9.66 13.38
CA ALA A 177 -10.09 -10.85 12.93
C ALA A 177 -11.39 -10.43 12.24
N GLY A 178 -11.87 -11.33 11.40
CA GLY A 178 -13.05 -11.08 10.58
C GLY A 178 -13.47 -12.34 9.86
N THR A 179 -14.38 -12.15 8.92
CA THR A 179 -15.06 -13.27 8.28
C THR A 179 -14.77 -13.27 6.77
N ASP A 180 -15.15 -14.37 6.11
CA ASP A 180 -15.38 -14.37 4.66
C ASP A 180 -16.74 -13.71 4.37
N LEU A 181 -17.09 -13.57 3.10
CA LEU A 181 -18.31 -12.83 2.79
C LEU A 181 -19.56 -13.68 2.95
N GLU A 182 -19.43 -14.91 3.45
CA GLU A 182 -20.56 -15.70 3.92
C GLU A 182 -20.72 -15.59 5.43
N GLY A 183 -19.89 -14.81 6.09
CA GLY A 183 -20.02 -14.53 7.52
C GLY A 183 -19.35 -15.52 8.43
N ASN A 184 -18.55 -16.43 7.88
CA ASN A 184 -17.83 -17.43 8.66
C ASN A 184 -16.49 -16.85 9.06
N PHE A 185 -16.24 -16.74 10.36
CA PHE A 185 -14.95 -16.25 10.83
C PHE A 185 -13.80 -17.09 10.27
N TYR A 186 -12.72 -16.42 9.92
CA TYR A 186 -11.44 -17.11 9.83
C TYR A 186 -10.95 -17.35 11.26
N GLY A 187 -10.55 -18.57 11.56
CA GLY A 187 -10.01 -18.87 12.86
C GLY A 187 -11.12 -19.13 13.90
N PRO A 188 -10.72 -19.27 15.16
CA PRO A 188 -11.66 -19.67 16.21
C PRO A 188 -12.47 -18.55 16.85
N PHE A 189 -12.51 -17.38 16.25
CA PHE A 189 -13.01 -16.19 16.92
C PHE A 189 -14.53 -16.07 16.80
N VAL A 190 -15.11 -15.34 17.75
CA VAL A 190 -16.54 -15.04 17.74
C VAL A 190 -16.73 -13.55 17.92
N ASP A 191 -17.82 -13.02 17.35
CA ASP A 191 -18.10 -11.58 17.40
C ASP A 191 -18.81 -11.25 18.70
N ARG A 192 -18.05 -11.37 19.80
CA ARG A 192 -18.46 -10.83 21.09
C ARG A 192 -17.25 -10.19 21.72
N GLN A 193 -17.51 -9.15 22.52
CA GLN A 193 -16.46 -8.23 22.97
C GLN A 193 -15.87 -8.76 24.26
N THR A 194 -15.19 -9.88 24.11
CA THR A 194 -14.47 -10.59 25.15
C THR A 194 -13.09 -10.95 24.65
N ALA A 195 -12.15 -11.09 25.59
CA ALA A 195 -10.77 -11.48 25.25
C ALA A 195 -10.76 -12.88 24.67
N GLN A 196 -9.98 -13.03 23.61
CA GLN A 196 -9.94 -14.28 22.84
C GLN A 196 -8.54 -14.57 22.39
N ALA A 197 -8.13 -15.81 22.58
CA ALA A 197 -6.78 -16.23 22.26
C ALA A 197 -6.66 -16.44 20.76
N ALA A 198 -5.68 -15.79 20.18
CA ALA A 198 -5.17 -16.22 18.90
C ALA A 198 -4.08 -17.25 19.20
N GLY A 199 -3.98 -18.26 18.36
CA GLY A 199 -2.89 -19.20 18.55
C GLY A 199 -1.54 -18.52 18.47
N THR A 200 -0.54 -19.24 18.96
CA THR A 200 0.83 -19.05 18.51
C THR A 200 0.83 -18.73 17.01
N ASP A 201 1.49 -17.67 16.63
CA ASP A 201 1.67 -17.43 15.21
C ASP A 201 2.90 -18.18 14.73
N THR A 202 2.98 -18.38 13.41
CA THR A 202 4.15 -19.00 12.80
C THR A 202 4.49 -18.22 11.54
N THR A 203 5.73 -18.38 11.11
CA THR A 203 6.20 -17.61 9.98
C THR A 203 5.93 -18.39 8.70
N ILE A 204 5.49 -17.67 7.66
CA ILE A 204 5.11 -18.32 6.42
C ILE A 204 6.34 -18.56 5.56
N THR A 205 6.93 -19.75 5.71
CA THR A 205 8.27 -20.02 5.18
C THR A 205 8.35 -19.81 3.67
N VAL A 206 7.37 -20.33 2.94
CA VAL A 206 7.37 -20.17 1.50
C VAL A 206 7.38 -18.71 1.13
N ASN A 207 6.72 -17.87 1.92
CA ASN A 207 6.70 -16.45 1.59
C ASN A 207 8.06 -15.82 1.85
N VAL A 208 8.76 -16.28 2.89
CA VAL A 208 10.09 -15.75 3.20
C VAL A 208 11.05 -16.09 2.05
N LEU A 209 10.98 -17.32 1.55
CA LEU A 209 11.79 -17.71 0.40
C LEU A 209 11.43 -16.87 -0.82
N ALA A 210 10.14 -16.69 -1.08
CA ALA A 210 9.77 -15.87 -2.23
C ALA A 210 10.41 -14.49 -2.14
N TRP A 211 10.45 -13.93 -0.94
CA TRP A 211 10.99 -12.59 -0.75
C TRP A 211 12.51 -12.60 -0.85
N LEU A 212 13.17 -13.69 -0.47
CA LEU A 212 14.61 -13.81 -0.73
C LEU A 212 14.90 -13.90 -2.22
N TYR A 213 14.02 -14.57 -2.97
CA TYR A 213 14.11 -14.53 -4.42
C TYR A 213 13.89 -13.11 -4.93
N ALA A 214 12.91 -12.41 -4.38
CA ALA A 214 12.69 -11.03 -4.76
C ALA A 214 13.95 -10.20 -4.54
N ALA A 215 14.63 -10.43 -3.41
CA ALA A 215 15.83 -9.68 -3.08
C ALA A 215 16.95 -9.95 -4.08
N VAL A 216 17.19 -11.23 -4.37
CA VAL A 216 18.18 -11.62 -5.36
C VAL A 216 17.85 -11.00 -6.71
N ILE A 217 16.57 -11.02 -7.08
CA ILE A 217 16.16 -10.41 -8.34
C ILE A 217 16.55 -8.93 -8.39
N ASN A 218 16.47 -8.23 -7.25
CA ASN A 218 16.71 -6.80 -7.18
C ASN A 218 18.16 -6.46 -6.84
N GLY A 219 19.08 -7.42 -6.97
CA GLY A 219 20.49 -7.18 -6.82
C GLY A 219 21.05 -7.45 -5.43
N ASP A 220 20.19 -7.74 -4.46
CA ASP A 220 20.58 -7.88 -3.05
C ASP A 220 20.92 -9.34 -2.77
N ARG A 221 22.21 -9.69 -2.83
CA ARG A 221 22.60 -11.11 -2.81
C ARG A 221 23.54 -11.50 -1.68
N TRP A 222 23.83 -10.59 -0.72
CA TRP A 222 24.88 -10.85 0.26
C TRP A 222 24.63 -12.12 1.08
N PHE A 223 23.37 -12.49 1.27
CA PHE A 223 23.00 -13.60 2.15
C PHE A 223 23.20 -14.96 1.49
N LEU A 224 23.47 -14.99 0.19
CA LEU A 224 23.66 -16.25 -0.51
C LEU A 224 24.94 -16.93 -0.05
N ASN A 225 24.82 -18.19 0.39
CA ASN A 225 25.97 -18.94 0.89
C ASN A 225 26.28 -20.18 0.06
N PHE A 227 26.69 -23.38 0.67
CA PHE A 227 26.08 -24.49 1.40
C PHE A 227 24.74 -24.91 0.79
N THR A 228 24.28 -26.11 1.15
CA THR A 228 22.97 -26.57 0.75
C THR A 228 22.38 -27.35 1.92
N THR A 229 21.19 -27.92 1.70
CA THR A 229 20.55 -28.69 2.77
C THR A 229 19.51 -29.62 2.16
N THR A 230 18.82 -30.34 3.03
CA THR A 230 17.72 -31.19 2.63
C THR A 230 16.40 -30.63 3.18
N LEU A 231 15.30 -31.11 2.61
CA LEU A 231 14.00 -30.66 3.07
C LEU A 231 13.77 -31.06 4.52
N ASN A 232 14.17 -32.28 4.90
CA ASN A 232 14.02 -32.69 6.30
C ASN A 232 14.99 -31.93 7.19
N ASP A 233 16.19 -31.62 6.68
CA ASP A 233 17.16 -30.88 7.50
C ASP A 233 16.68 -29.46 7.78
N PHE A 234 16.27 -28.75 6.73
CA PHE A 234 15.75 -27.39 6.90
C PHE A 234 14.58 -27.37 7.89
N ASN A 235 13.59 -28.24 7.67
CA ASN A 235 12.41 -28.23 8.52
C ASN A 235 12.78 -28.48 9.97
N LEU A 236 13.83 -29.26 10.24
CA LEU A 236 14.31 -29.40 11.62
C LEU A 236 14.65 -28.04 12.21
N VAL A 237 15.14 -27.13 11.39
CA VAL A 237 15.48 -25.78 11.84
C VAL A 237 14.28 -24.83 11.79
N ALA A 238 13.36 -25.02 10.84
CA ALA A 238 12.16 -24.21 10.83
C ALA A 238 11.31 -24.47 12.07
N MET A 239 11.00 -25.75 12.32
CA MET A 239 10.23 -26.10 13.50
C MET A 239 10.79 -25.40 14.73
N LYS A 240 12.11 -25.38 14.89
CA LYS A 240 12.73 -24.70 16.01
C LYS A 240 12.30 -23.23 16.07
N TYR A 241 12.28 -22.56 14.92
CA TYR A 241 12.07 -21.13 14.84
C TYR A 241 10.61 -20.74 14.53
N ASN A 242 9.67 -21.67 14.76
CA ASN A 242 8.26 -21.47 14.43
C ASN A 242 8.10 -20.92 13.02
N TYR A 243 8.72 -21.61 12.09
CA TYR A 243 8.47 -21.48 10.68
C TYR A 243 7.57 -22.63 10.24
N GLU A 244 6.63 -22.35 9.34
CA GLU A 244 5.89 -23.42 8.67
C GLU A 244 6.88 -24.38 8.04
N PRO A 245 6.65 -25.68 8.10
CA PRO A 245 7.54 -26.60 7.39
C PRO A 245 7.33 -26.49 5.88
N LEU A 246 8.43 -26.66 5.16
CA LEU A 246 8.44 -26.59 3.71
C LEU A 246 8.13 -27.95 3.10
N THR A 247 7.23 -27.95 2.12
CA THR A 247 6.82 -29.10 1.36
C THR A 247 7.32 -28.99 -0.07
N GLN A 248 7.15 -30.08 -0.82
CA GLN A 248 7.49 -30.05 -2.23
C GLN A 248 6.50 -29.22 -3.04
N ASP A 249 5.23 -29.19 -2.63
CA ASP A 249 4.29 -28.26 -3.27
C ASP A 249 4.79 -26.83 -3.14
N HIS A 250 5.31 -26.48 -1.96
CA HIS A 250 5.98 -25.18 -1.80
C HIS A 250 7.16 -25.03 -2.77
N VAL A 251 8.07 -26.02 -2.78
CA VAL A 251 9.19 -26.00 -3.72
C VAL A 251 8.69 -25.71 -5.15
N ASP A 252 7.62 -26.39 -5.56
CA ASP A 252 7.12 -26.25 -6.91
C ASP A 252 6.44 -24.92 -7.13
N ILE A 253 5.79 -24.37 -6.11
CA ILE A 253 5.17 -23.06 -6.24
C ILE A 253 6.24 -21.99 -6.46
N LEU A 254 7.42 -22.18 -5.88
CA LEU A 254 8.54 -21.26 -6.09
C LEU A 254 9.24 -21.46 -7.44
N GLY A 255 8.77 -22.41 -8.27
CA GLY A 255 9.41 -22.77 -9.50
C GLY A 255 9.75 -21.61 -10.40
N PRO A 256 8.76 -20.78 -10.71
CA PRO A 256 9.06 -19.59 -11.52
C PRO A 256 10.20 -18.74 -10.97
N LEU A 257 10.28 -18.57 -9.64
CA LEU A 257 11.37 -17.80 -9.05
C LEU A 257 12.69 -18.57 -9.13
N SER A 258 12.69 -19.81 -8.63
CA SER A 258 13.85 -20.68 -8.85
C SER A 258 14.33 -20.60 -10.29
N ALA A 259 13.39 -20.62 -11.24
CA ALA A 259 13.77 -20.62 -12.65
C ALA A 259 14.33 -19.29 -13.08
N GLN A 260 13.74 -18.20 -12.60
CA GLN A 260 14.18 -16.88 -13.02
C GLN A 260 15.53 -16.51 -12.44
N THR A 261 15.95 -17.12 -11.32
CA THR A 261 17.21 -16.77 -10.70
C THR A 261 18.31 -17.80 -10.90
N GLY A 262 17.97 -19.03 -11.23
CA GLY A 262 18.94 -20.09 -11.27
C GLY A 262 19.37 -20.60 -9.91
N ILE A 263 18.61 -20.34 -8.84
CA ILE A 263 19.00 -20.77 -7.50
C ILE A 263 18.04 -21.86 -7.04
N ALA A 264 18.59 -23.04 -6.75
CA ALA A 264 17.78 -24.14 -6.26
C ALA A 264 17.14 -23.77 -4.92
N VAL A 265 15.84 -24.07 -4.80
CA VAL A 265 15.13 -23.79 -3.56
C VAL A 265 15.90 -24.33 -2.36
N LEU A 266 16.47 -25.53 -2.48
CA LEU A 266 17.16 -26.09 -1.33
C LEU A 266 18.41 -25.29 -1.01
N ASP A 267 18.98 -24.60 -1.99
CA ASP A 267 20.10 -23.73 -1.70
C ASP A 267 19.61 -22.49 -0.95
N MET A 268 18.55 -21.85 -1.45
CA MET A 268 17.92 -20.76 -0.71
C MET A 268 17.60 -21.19 0.73
N CYS A 269 17.08 -22.40 0.91
CA CYS A 269 16.86 -22.91 2.26
C CYS A 269 18.15 -22.87 3.08
N ALA A 270 19.27 -23.21 2.45
CA ALA A 270 20.56 -23.19 3.12
C ALA A 270 20.85 -21.80 3.67
N SER A 271 20.81 -20.78 2.80
CA SER A 271 21.04 -19.42 3.27
C SER A 271 20.06 -19.03 4.35
N LEU A 272 18.79 -19.43 4.17
CA LEU A 272 17.77 -19.01 5.13
C LEU A 272 18.04 -19.61 6.51
N LYS A 273 18.48 -20.88 6.56
CA LYS A 273 18.83 -21.46 7.86
C LYS A 273 19.92 -20.65 8.54
N GLU A 274 20.91 -20.18 7.79
CA GLU A 274 21.99 -19.39 8.36
C GLU A 274 21.46 -18.09 8.93
N LEU A 275 20.64 -17.36 8.15
CA LEU A 275 20.00 -16.17 8.70
C LEU A 275 19.21 -16.51 9.97
N LEU A 276 18.50 -17.64 9.97
CA LEU A 276 17.74 -18.00 11.16
C LEU A 276 18.66 -18.34 12.32
N GLN A 277 19.82 -18.93 12.01
CA GLN A 277 20.78 -19.32 13.05
C GLN A 277 21.63 -18.13 13.51
N ASN A 278 22.21 -17.37 12.55
CA ASN A 278 23.12 -16.28 12.88
C ASN A 278 22.46 -14.89 12.92
N GLY A 279 21.20 -14.75 12.52
CA GLY A 279 20.63 -13.42 12.34
C GLY A 279 21.26 -12.70 11.14
N MET A 280 20.82 -11.46 10.93
CA MET A 280 21.27 -10.67 9.80
C MET A 280 22.45 -9.76 10.09
N ASN A 281 23.13 -9.94 11.24
CA ASN A 281 24.35 -9.22 11.56
C ASN A 281 24.22 -7.73 11.26
N GLY A 282 23.02 -7.18 11.45
CA GLY A 282 22.79 -5.78 11.21
C GLY A 282 22.65 -5.39 9.76
N ARG A 283 22.83 -6.32 8.83
CA ARG A 283 22.60 -6.01 7.43
C ARG A 283 21.09 -5.90 7.20
N THR A 284 20.72 -5.59 5.97
CA THR A 284 19.32 -5.54 5.58
C THR A 284 19.15 -6.29 4.26
N ILE A 285 17.90 -6.65 3.98
CA ILE A 285 17.49 -7.32 2.75
C ILE A 285 16.28 -6.57 2.19
N LEU A 286 16.42 -6.06 0.98
CA LEU A 286 15.37 -5.21 0.41
C LEU A 286 14.96 -4.11 1.37
N GLY A 287 15.95 -3.59 2.10
CA GLY A 287 15.70 -2.45 2.97
C GLY A 287 14.99 -2.80 4.25
N SER A 288 14.88 -4.07 4.59
CA SER A 288 14.28 -4.47 5.85
C SER A 288 15.34 -5.17 6.68
N ALA A 289 15.24 -4.99 7.99
CA ALA A 289 16.12 -5.62 8.96
C ALA A 289 15.52 -6.88 9.55
N LEU A 290 14.37 -7.30 9.04
CA LEU A 290 13.76 -8.57 9.40
C LEU A 290 13.41 -9.34 8.14
N LEU A 291 13.12 -10.62 8.33
CA LEU A 291 12.70 -11.48 7.23
C LEU A 291 11.21 -11.30 7.01
N GLU A 292 10.83 -10.87 5.80
CA GLU A 292 9.45 -10.51 5.48
C GLU A 292 8.69 -11.74 4.99
N ASP A 293 7.48 -11.99 5.53
CA ASP A 293 6.75 -13.19 5.15
C ASP A 293 5.34 -12.90 4.66
N GLU A 294 5.04 -11.68 4.21
CA GLU A 294 3.72 -11.35 3.68
C GLU A 294 3.75 -11.03 2.17
N PHE A 295 4.71 -11.58 1.44
CA PHE A 295 4.68 -11.60 -0.02
C PHE A 295 4.63 -13.05 -0.47
N THR A 296 3.56 -13.44 -1.17
CA THR A 296 3.50 -14.76 -1.75
C THR A 296 4.41 -14.88 -2.97
N PRO A 297 4.73 -16.10 -3.37
CA PRO A 297 5.40 -16.30 -4.66
C PRO A 297 4.65 -15.64 -5.78
N PHE A 298 3.33 -15.85 -5.85
CA PHE A 298 2.51 -15.12 -6.79
C PHE A 298 2.76 -13.63 -6.70
N ASP A 299 2.71 -13.06 -5.47
CA ASP A 299 2.91 -11.63 -5.34
C ASP A 299 4.26 -11.21 -5.93
N VAL A 300 5.32 -11.92 -5.56
CA VAL A 300 6.66 -11.54 -6.00
C VAL A 300 6.74 -11.56 -7.52
N VAL A 301 6.21 -12.62 -8.13
CA VAL A 301 6.10 -12.69 -9.59
C VAL A 301 5.41 -11.44 -10.14
N ARG A 302 4.19 -11.15 -9.66
CA ARG A 302 3.45 -10.00 -10.17
C ARG A 302 4.28 -8.72 -10.16
N GLN A 303 5.19 -8.58 -9.19
CA GLN A 303 5.96 -7.35 -9.01
C GLN A 303 7.32 -7.40 -9.67
N CYS A 304 7.58 -8.38 -10.53
CA CYS A 304 8.89 -8.53 -11.18
C CYS A 304 8.72 -9.11 -12.59
N PHE B 7 0.55 2.51 11.78
CA PHE B 7 0.75 1.07 11.90
C PHE B 7 1.10 0.41 10.54
N ARG B 8 0.38 0.79 9.47
CA ARG B 8 0.52 0.17 8.15
C ARG B 8 0.79 1.23 7.10
N LYS B 9 1.61 0.90 6.11
CA LYS B 9 1.88 1.84 5.02
C LYS B 9 0.67 1.84 4.08
N MET B 10 -0.08 2.92 4.10
CA MET B 10 -1.41 3.00 3.50
C MET B 10 -1.42 4.02 2.38
N ALA B 11 -1.92 3.62 1.21
CA ALA B 11 -2.07 4.55 0.10
C ALA B 11 -3.48 5.11 0.07
N PHE B 12 -3.66 6.20 -0.68
CA PHE B 12 -5.00 6.67 -0.96
C PHE B 12 -5.73 5.70 -1.87
N PRO B 13 -7.05 5.60 -1.75
CA PRO B 13 -7.83 4.86 -2.74
C PRO B 13 -7.54 5.46 -4.11
N SER B 14 -7.45 4.61 -5.11
CA SER B 14 -6.92 5.00 -6.40
C SER B 14 -7.97 5.16 -7.47
N GLY B 15 -9.26 4.99 -7.14
CA GLY B 15 -10.28 4.93 -8.18
C GLY B 15 -10.35 6.18 -9.05
N LYS B 16 -10.24 7.35 -8.44
CA LYS B 16 -10.32 8.60 -9.19
C LYS B 16 -9.20 8.73 -10.22
N VAL B 17 -8.07 8.07 -9.98
CA VAL B 17 -6.92 8.18 -10.86
C VAL B 17 -6.94 7.07 -11.89
N GLU B 18 -7.41 5.88 -11.49
CA GLU B 18 -7.58 4.77 -12.43
C GLU B 18 -8.30 5.21 -13.69
N GLY B 19 -9.38 5.98 -13.54
CA GLY B 19 -10.18 6.50 -14.65
C GLY B 19 -9.49 7.54 -15.53
N CYS B 20 -8.27 7.94 -15.19
CA CYS B 20 -7.48 8.89 -15.96
C CYS B 20 -6.35 8.25 -16.76
N MET B 21 -6.11 6.96 -16.59
CA MET B 21 -4.92 6.34 -17.16
C MET B 21 -5.24 5.86 -18.58
N VAL B 22 -4.37 6.21 -19.51
CA VAL B 22 -4.51 5.77 -20.89
C VAL B 22 -3.15 5.29 -21.35
N GLN B 23 -3.16 4.66 -22.51
CA GLN B 23 -1.96 4.14 -23.14
C GLN B 23 -1.54 5.06 -24.28
N VAL B 24 -0.25 5.36 -24.35
CA VAL B 24 0.26 6.29 -25.35
C VAL B 24 1.37 5.59 -26.11
N THR B 25 1.22 5.52 -27.42
CA THR B 25 2.20 4.91 -28.30
C THR B 25 2.65 5.92 -29.35
N CYS B 26 3.94 5.95 -29.59
CA CYS B 26 4.54 6.76 -30.64
C CYS B 26 5.59 5.85 -31.24
N GLY B 27 5.31 5.32 -32.42
CA GLY B 27 6.17 4.32 -33.03
C GLY B 27 6.08 2.99 -32.31
N THR B 28 7.22 2.50 -31.81
CA THR B 28 7.28 1.25 -31.08
C THR B 28 7.33 1.44 -29.57
N THR B 29 7.53 2.67 -29.10
CA THR B 29 7.60 2.96 -27.67
C THR B 29 6.19 3.19 -27.15
N THR B 30 5.86 2.57 -26.01
CA THR B 30 4.55 2.73 -25.38
C THR B 30 4.73 2.98 -23.89
N LEU B 31 3.94 3.89 -23.35
CA LEU B 31 3.98 4.13 -21.93
C LEU B 31 2.62 4.66 -21.52
N ASN B 32 2.52 5.09 -20.27
CA ASN B 32 1.26 5.55 -19.73
C ASN B 32 1.11 7.05 -19.87
N GLY B 33 -0.12 7.48 -20.09
CA GLY B 33 -0.43 8.88 -20.10
C GLY B 33 -1.59 9.12 -19.14
N LEU B 34 -1.72 10.37 -18.73
CA LEU B 34 -2.77 10.80 -17.82
C LEU B 34 -3.75 11.70 -18.56
N TRP B 35 -4.99 11.26 -18.67
CA TRP B 35 -6.01 11.92 -19.48
C TRP B 35 -6.94 12.74 -18.58
N LEU B 36 -6.80 14.06 -18.66
CA LEU B 36 -7.57 15.00 -17.86
C LEU B 36 -8.21 16.05 -18.76
N ASP B 37 -9.51 16.23 -18.65
CA ASP B 37 -10.22 17.10 -19.60
C ASP B 37 -9.78 16.68 -21.00
N ASP B 38 -9.45 17.63 -21.88
CA ASP B 38 -9.08 17.33 -23.25
C ASP B 38 -7.56 17.20 -23.45
N VAL B 39 -6.82 16.83 -22.41
CA VAL B 39 -5.36 16.79 -22.48
C VAL B 39 -4.86 15.45 -21.97
N VAL B 40 -3.91 14.86 -22.69
CA VAL B 40 -3.17 13.71 -22.20
C VAL B 40 -1.74 14.16 -21.92
N TYR B 41 -1.25 13.84 -20.73
CA TYR B 41 0.09 14.16 -20.28
C TYR B 41 0.91 12.87 -20.23
N CYS B 42 2.10 12.88 -20.83
CA CYS B 42 2.97 11.72 -20.74
C CYS B 42 4.42 12.14 -20.76
N PRO B 43 5.35 11.28 -20.35
CA PRO B 43 6.78 11.56 -20.49
C PRO B 43 7.17 11.76 -21.95
N ARG B 44 7.99 12.78 -22.19
CA ARG B 44 8.33 13.14 -23.55
C ARG B 44 9.22 12.10 -24.23
N HIS B 45 9.89 11.24 -23.45
CA HIS B 45 10.73 10.25 -24.07
C HIS B 45 9.94 9.12 -24.73
N VAL B 46 8.61 9.20 -24.72
CA VAL B 46 7.87 8.28 -25.57
C VAL B 46 8.24 8.45 -27.04
N ILE B 47 8.79 9.61 -27.43
CA ILE B 47 9.11 9.84 -28.83
C ILE B 47 10.53 9.36 -29.12
N CYS B 48 11.13 8.64 -28.20
CA CYS B 48 12.49 8.17 -28.39
C CYS B 48 12.49 6.74 -28.89
N THR B 49 13.41 6.46 -29.80
CA THR B 49 13.77 5.09 -30.13
C THR B 49 14.85 4.64 -29.14
N SER B 50 15.20 3.35 -29.22
CA SER B 50 16.24 2.85 -28.32
C SER B 50 17.54 3.61 -28.49
N GLU B 51 17.91 3.95 -29.73
CA GLU B 51 19.13 4.70 -29.97
C GLU B 51 19.04 6.10 -29.38
N ASP B 52 17.93 6.79 -29.61
CA ASP B 52 17.78 8.16 -29.15
C ASP B 52 18.11 8.32 -27.68
N MET B 53 17.72 7.32 -26.88
CA MET B 53 17.65 7.48 -25.42
C MET B 53 18.98 7.92 -24.81
N LEU B 54 20.10 7.62 -25.50
CA LEU B 54 21.41 7.88 -24.90
C LEU B 54 21.74 9.37 -24.85
N ASN B 55 21.27 10.14 -25.79
CA ASN B 55 21.49 11.58 -25.74
C ASN B 55 20.53 12.28 -26.70
N PRO B 56 19.27 12.37 -26.34
CA PRO B 56 18.25 12.82 -27.29
C PRO B 56 18.24 14.33 -27.42
N ASN B 57 17.97 14.80 -28.64
CA ASN B 57 17.66 16.21 -28.88
C ASN B 57 16.15 16.21 -29.04
N TYR B 58 15.44 16.49 -27.94
CA TYR B 58 13.99 16.28 -27.93
C TYR B 58 13.29 17.22 -28.91
N GLU B 59 13.73 18.48 -28.99
CA GLU B 59 13.13 19.42 -29.93
C GLU B 59 13.19 18.88 -31.37
N ASP B 60 14.38 18.48 -31.81
CA ASP B 60 14.53 17.86 -33.11
C ASP B 60 13.69 16.61 -33.27
N LEU B 61 13.64 15.75 -32.26
CA LEU B 61 12.88 14.51 -32.40
C LEU B 61 11.39 14.79 -32.57
N LEU B 62 10.86 15.70 -31.75
CA LEU B 62 9.42 15.96 -31.79
C LEU B 62 9.04 16.69 -33.09
N ILE B 63 9.91 17.55 -33.60
CA ILE B 63 9.65 18.19 -34.89
C ILE B 63 9.28 17.15 -35.93
N ARG B 64 9.97 16.00 -35.93
CA ARG B 64 9.67 14.96 -36.89
C ARG B 64 8.35 14.23 -36.61
N LYS B 65 7.72 14.43 -35.45
CA LYS B 65 6.46 13.75 -35.16
C LYS B 65 5.29 14.69 -35.49
N SER B 66 4.21 14.11 -36.01
CA SER B 66 2.95 14.82 -36.19
C SER B 66 1.89 14.26 -35.25
N ASN B 67 0.73 14.94 -35.21
CA ASN B 67 -0.36 14.53 -34.33
C ASN B 67 -0.75 13.07 -34.55
N HIS B 68 -0.85 12.64 -35.81
CA HIS B 68 -1.33 11.28 -36.08
C HIS B 68 -0.31 10.19 -35.75
N ASN B 69 0.96 10.55 -35.47
CA ASN B 69 1.92 9.57 -34.99
C ASN B 69 1.73 9.18 -33.53
N PHE B 70 0.73 9.74 -32.85
CA PHE B 70 0.51 9.47 -31.43
C PHE B 70 -0.78 8.66 -31.29
N LEU B 71 -0.65 7.39 -30.94
CA LEU B 71 -1.78 6.51 -30.69
C LEU B 71 -2.14 6.52 -29.21
N VAL B 72 -3.30 7.09 -28.89
CA VAL B 72 -3.80 7.14 -27.51
C VAL B 72 -4.96 6.16 -27.43
N GLN B 73 -4.80 5.12 -26.62
CA GLN B 73 -5.86 4.15 -26.36
C GLN B 73 -6.34 4.31 -24.92
N ALA B 74 -7.66 4.36 -24.75
CA ALA B 74 -8.33 4.41 -23.45
C ALA B 74 -9.15 3.13 -23.38
N GLY B 75 -8.59 2.09 -22.77
CA GLY B 75 -9.22 0.80 -22.94
C GLY B 75 -9.19 0.44 -24.42
N ASN B 76 -10.28 -0.15 -24.90
CA ASN B 76 -10.35 -0.59 -26.29
C ASN B 76 -10.74 0.52 -27.25
N VAL B 77 -10.49 1.79 -26.90
CA VAL B 77 -10.95 2.94 -27.67
C VAL B 77 -9.75 3.84 -27.96
N GLN B 78 -9.38 3.94 -29.25
CA GLN B 78 -8.35 4.91 -29.63
C GLN B 78 -8.95 6.32 -29.62
N LEU B 79 -8.24 7.26 -28.99
CA LEU B 79 -8.59 8.68 -29.00
C LEU B 79 -7.83 9.38 -30.11
N ARG B 80 -8.42 10.45 -30.64
CA ARG B 80 -7.84 11.17 -31.75
C ARG B 80 -7.08 12.39 -31.24
N VAL B 81 -5.80 12.49 -31.63
CA VAL B 81 -4.90 13.55 -31.21
C VAL B 81 -5.01 14.73 -32.15
N ILE B 82 -5.29 15.91 -31.62
CA ILE B 82 -5.56 17.07 -32.47
C ILE B 82 -4.58 18.23 -32.20
N GLY B 83 -3.47 17.94 -31.51
CA GLY B 83 -2.56 18.99 -31.11
C GLY B 83 -1.49 18.46 -30.17
N HIS B 84 -0.33 19.10 -30.12
CA HIS B 84 0.74 18.55 -29.30
C HIS B 84 1.77 19.63 -29.01
N SER B 85 2.19 19.69 -27.75
CA SER B 85 3.23 20.60 -27.32
C SER B 85 4.12 19.88 -26.31
N MET B 86 5.36 20.34 -26.22
CA MET B 86 6.27 19.85 -25.20
C MET B 86 6.37 20.93 -24.13
N GLN B 87 6.12 20.55 -22.87
CA GLN B 87 6.32 21.44 -21.73
C GLN B 87 7.41 20.81 -20.85
N ASN B 88 8.59 21.40 -20.83
CA ASN B 88 9.69 20.81 -20.10
C ASN B 88 9.82 19.33 -20.50
N CYS B 89 9.72 18.39 -19.56
CA CYS B 89 9.94 16.98 -19.88
C CYS B 89 8.64 16.19 -20.11
N VAL B 90 7.52 16.88 -20.26
CA VAL B 90 6.27 16.21 -20.53
C VAL B 90 5.78 16.62 -21.90
N LEU B 91 5.15 15.67 -22.54
CA LEU B 91 4.37 15.89 -23.74
C LEU B 91 2.93 16.11 -23.33
N LYS B 92 2.32 17.15 -23.89
CA LYS B 92 0.89 17.36 -23.79
C LYS B 92 0.25 17.10 -25.15
N LEU B 93 -0.63 16.12 -25.21
CA LEU B 93 -1.43 15.79 -26.37
C LEU B 93 -2.85 16.29 -26.16
N LYS B 94 -3.29 17.20 -27.03
CA LYS B 94 -4.69 17.62 -27.07
C LYS B 94 -5.49 16.58 -27.84
N VAL B 95 -6.62 16.15 -27.27
CA VAL B 95 -7.47 15.13 -27.87
C VAL B 95 -8.85 15.74 -28.09
N ASP B 96 -9.63 15.10 -28.97
CA ASP B 96 -10.93 15.65 -29.31
C ASP B 96 -11.99 15.35 -28.26
N THR B 97 -11.73 14.39 -27.38
CA THR B 97 -12.67 13.96 -26.34
C THR B 97 -12.14 14.37 -24.97
N ALA B 98 -12.97 15.07 -24.21
CA ALA B 98 -12.64 15.35 -22.82
C ALA B 98 -12.99 14.13 -21.97
N ASN B 99 -12.13 13.82 -21.00
CA ASN B 99 -12.30 12.59 -20.22
C ASN B 99 -13.56 12.68 -19.39
N PRO B 100 -14.58 11.85 -19.64
CA PRO B 100 -15.79 11.92 -18.79
C PRO B 100 -15.49 11.58 -17.34
N LYS B 101 -14.39 10.89 -17.07
CA LYS B 101 -14.01 10.49 -15.72
C LYS B 101 -13.04 11.46 -15.07
N THR B 102 -12.95 12.70 -15.58
CA THR B 102 -11.98 13.63 -15.02
C THR B 102 -12.38 14.02 -13.61
N PRO B 103 -11.60 13.68 -12.58
CA PRO B 103 -11.90 14.15 -11.22
C PRO B 103 -11.60 15.63 -11.09
N LYS B 104 -12.10 16.22 -10.00
CA LYS B 104 -11.54 17.49 -9.56
C LYS B 104 -10.05 17.29 -9.25
N TYR B 105 -9.21 18.20 -9.72
CA TYR B 105 -7.77 17.97 -9.65
C TYR B 105 -7.02 19.28 -9.67
N LYS B 106 -5.82 19.24 -9.09
CA LYS B 106 -4.80 20.27 -9.26
C LYS B 106 -3.46 19.60 -9.48
N PHE B 107 -2.51 20.39 -9.99
CA PHE B 107 -1.12 19.99 -10.14
C PHE B 107 -0.33 20.70 -9.05
N VAL B 108 0.48 19.97 -8.31
CA VAL B 108 1.25 20.60 -7.24
C VAL B 108 2.66 20.06 -7.30
N ARG B 109 3.59 20.87 -6.86
CA ARG B 109 4.98 20.46 -6.76
C ARG B 109 5.28 20.23 -5.30
N ILE B 110 5.48 18.98 -4.92
CA ILE B 110 5.66 18.67 -3.50
C ILE B 110 7.09 18.97 -3.08
N GLN B 111 7.26 19.08 -1.77
CA GLN B 111 8.47 19.31 -1.02
C GLN B 111 9.09 17.99 -0.58
N PRO B 112 10.42 17.94 -0.51
CA PRO B 112 11.07 16.78 0.10
C PRO B 112 10.53 16.51 1.48
N GLY B 113 10.40 15.22 1.78
CA GLY B 113 9.85 14.74 3.01
C GLY B 113 8.36 14.51 3.00
N GLN B 114 7.63 15.07 2.03
CA GLN B 114 6.22 14.77 1.86
C GLN B 114 6.04 13.40 1.20
N THR B 115 4.86 12.84 1.38
CA THR B 115 4.52 11.52 0.88
C THR B 115 3.42 11.64 -0.16
N PHE B 116 3.22 10.54 -0.87
CA PHE B 116 2.20 10.49 -1.89
C PHE B 116 2.02 9.05 -2.29
N SER B 117 0.88 8.79 -2.91
CA SER B 117 0.53 7.48 -3.42
C SER B 117 0.89 7.38 -4.90
N VAL B 118 1.41 6.22 -5.30
CA VAL B 118 1.72 5.89 -6.69
C VAL B 118 0.76 4.84 -7.19
N LEU B 119 0.14 5.11 -8.32
CA LEU B 119 -0.64 4.15 -9.08
C LEU B 119 0.29 3.66 -10.17
N ALA B 120 0.90 2.51 -9.94
CA ALA B 120 1.82 1.90 -10.89
C ALA B 120 1.02 1.30 -12.01
N CYS B 121 1.35 1.67 -13.26
CA CYS B 121 0.59 1.25 -14.42
C CYS B 121 1.52 0.74 -15.52
N TYR B 122 0.96 -0.13 -16.36
CA TYR B 122 1.64 -0.74 -17.51
C TYR B 122 0.65 -0.81 -18.65
N ASN B 123 1.02 -0.23 -19.80
CA ASN B 123 0.17 -0.24 -20.98
C ASN B 123 -1.14 0.50 -20.75
N GLY B 124 -1.12 1.51 -19.88
CA GLY B 124 -2.32 2.23 -19.53
C GLY B 124 -3.24 1.54 -18.54
N SER B 125 -2.82 0.42 -17.96
CA SER B 125 -3.66 -0.39 -17.08
C SER B 125 -3.10 -0.41 -15.67
N PRO B 126 -3.85 0.00 -14.65
CA PRO B 126 -3.31 -0.01 -13.28
C PRO B 126 -2.95 -1.41 -12.84
N SER B 127 -1.76 -1.54 -12.23
CA SER B 127 -1.37 -2.82 -11.63
C SER B 127 -1.38 -2.79 -10.11
N GLY B 128 -0.99 -1.69 -9.48
CA GLY B 128 -0.97 -1.66 -8.02
C GLY B 128 -0.81 -0.25 -7.52
N VAL B 129 -0.96 -0.10 -6.21
CA VAL B 129 -0.88 1.21 -5.57
C VAL B 129 -0.08 1.04 -4.29
N TYR B 130 0.76 2.04 -4.02
CA TYR B 130 1.63 2.02 -2.84
C TYR B 130 2.01 3.46 -2.48
N GLN B 131 2.49 3.63 -1.25
CA GLN B 131 2.81 4.94 -0.68
C GLN B 131 4.32 5.16 -0.74
N CYS B 132 4.72 6.36 -1.18
CA CYS B 132 6.11 6.76 -1.38
C CYS B 132 6.36 8.06 -0.65
N ALA B 133 7.65 8.37 -0.47
CA ALA B 133 8.07 9.68 0.00
C ALA B 133 9.04 10.29 -1.01
N MET B 134 8.95 11.61 -1.19
CA MET B 134 9.98 12.37 -1.89
C MET B 134 11.16 12.55 -0.94
N ARG B 135 12.26 11.84 -1.24
CA ARG B 135 13.42 11.87 -0.36
C ARG B 135 14.05 13.25 -0.37
N PRO B 136 14.88 13.56 0.63
CA PRO B 136 15.55 14.85 0.64
C PRO B 136 16.40 15.11 -0.59
N ASN B 137 16.93 14.06 -1.23
CA ASN B 137 17.72 14.20 -2.45
C ASN B 137 16.87 14.13 -3.70
N PHE B 138 15.54 14.20 -3.54
CA PHE B 138 14.61 14.29 -4.66
C PHE B 138 14.60 13.02 -5.50
N THR B 139 14.85 11.88 -4.89
CA THR B 139 14.52 10.58 -5.47
C THR B 139 13.32 10.00 -4.73
N ILE B 140 12.76 8.97 -5.32
CA ILE B 140 11.77 8.17 -4.62
C ILE B 140 12.19 6.72 -4.72
N LYS B 141 11.86 5.96 -3.69
CA LYS B 141 12.20 4.54 -3.62
C LYS B 141 10.93 3.82 -4.02
N GLY B 142 10.79 3.55 -5.31
CA GLY B 142 9.58 3.01 -5.87
C GLY B 142 9.72 1.56 -6.25
N SER B 143 8.69 1.06 -6.92
CA SER B 143 8.66 -0.27 -7.51
C SER B 143 8.16 -0.08 -8.94
N PHE B 144 9.10 -0.01 -9.87
CA PHE B 144 8.84 0.37 -11.25
C PHE B 144 9.62 -0.55 -12.16
N LEU B 145 8.94 -1.04 -13.17
CA LEU B 145 9.51 -1.90 -14.21
C LEU B 145 9.45 -1.13 -15.53
N ASN B 146 10.07 -1.70 -16.56
CA ASN B 146 9.90 -1.12 -17.88
C ASN B 146 8.41 -1.01 -18.20
N GLY B 147 8.05 0.06 -18.91
CA GLY B 147 6.67 0.36 -19.21
C GLY B 147 5.92 1.16 -18.15
N SER B 148 6.54 1.43 -17.01
CA SER B 148 5.86 2.11 -15.92
C SER B 148 5.90 3.63 -16.03
N CYS B 149 6.71 4.18 -16.93
CA CYS B 149 6.75 5.62 -17.09
C CYS B 149 5.38 6.18 -17.44
N GLY B 150 5.12 7.42 -16.98
CA GLY B 150 3.80 7.99 -17.08
C GLY B 150 2.88 7.64 -15.92
N SER B 151 3.19 6.58 -15.17
CA SER B 151 2.56 6.37 -13.87
C SER B 151 2.70 7.62 -13.02
N VAL B 152 1.68 7.91 -12.20
CA VAL B 152 1.64 9.18 -11.49
C VAL B 152 1.53 8.96 -10.00
N GLY B 153 1.98 9.98 -9.28
CA GLY B 153 1.82 10.06 -7.84
C GLY B 153 0.84 11.18 -7.52
N PHE B 154 0.11 11.00 -6.42
CA PHE B 154 -0.97 11.90 -6.08
C PHE B 154 -1.28 11.81 -4.58
N ASN B 155 -1.93 12.87 -4.09
CA ASN B 155 -2.67 12.88 -2.85
C ASN B 155 -4.14 13.19 -3.13
N ILE B 156 -5.03 12.83 -2.21
CA ILE B 156 -6.46 13.16 -2.33
C ILE B 156 -6.83 14.05 -1.16
N ASP B 157 -7.30 15.26 -1.47
CA ASP B 157 -7.78 16.23 -0.48
C ASP B 157 -9.29 16.31 -0.67
N TYR B 158 -10.01 15.50 0.09
CA TYR B 158 -11.46 15.46 0.03
C TYR B 158 -11.88 14.84 -1.29
N ASP B 159 -12.43 15.65 -2.20
CA ASP B 159 -12.81 15.16 -3.50
C ASP B 159 -11.76 15.46 -4.57
N CYS B 160 -10.70 16.19 -4.22
CA CYS B 160 -9.76 16.78 -5.16
C CYS B 160 -8.46 16.02 -5.19
N VAL B 161 -8.06 15.57 -6.39
CA VAL B 161 -6.81 14.83 -6.57
C VAL B 161 -5.69 15.83 -6.88
N SER B 162 -4.64 15.83 -6.07
CA SER B 162 -3.47 16.66 -6.30
C SER B 162 -2.39 15.79 -6.92
N PHE B 163 -2.18 15.93 -8.23
CA PHE B 163 -1.12 15.19 -8.91
C PHE B 163 0.22 15.85 -8.66
N CYS B 164 1.21 15.05 -8.26
CA CYS B 164 2.49 15.63 -7.86
C CYS B 164 3.71 15.01 -8.52
N TYR B 165 3.57 13.86 -9.19
CA TYR B 165 4.70 13.11 -9.72
C TYR B 165 4.30 12.37 -10.98
N MET B 166 5.20 12.36 -11.95
CA MET B 166 5.09 11.45 -13.07
C MET B 166 6.41 10.70 -13.22
N HIS B 167 6.35 9.39 -13.45
CA HIS B 167 7.55 8.59 -13.39
C HIS B 167 8.26 8.61 -14.75
N HIS B 168 9.62 8.79 -14.71
CA HIS B 168 10.48 8.87 -15.91
C HIS B 168 11.65 7.89 -15.95
N MET B 169 12.32 7.62 -14.83
CA MET B 169 13.58 6.91 -14.94
C MET B 169 14.02 6.28 -13.65
N GLU B 170 14.97 5.37 -13.79
CA GLU B 170 15.64 4.78 -12.66
C GLU B 170 17.04 5.35 -12.57
N LEU B 171 17.59 5.29 -11.37
CA LEU B 171 18.91 5.84 -11.11
C LEU B 171 19.85 4.73 -10.63
N PRO B 172 21.17 4.99 -10.58
CA PRO B 172 22.11 3.87 -10.41
C PRO B 172 21.93 3.07 -9.13
N THR B 173 21.44 3.68 -8.05
CA THR B 173 21.20 2.90 -6.83
C THR B 173 19.86 2.18 -6.83
N GLY B 174 19.14 2.16 -7.94
CA GLY B 174 17.84 1.55 -7.99
C GLY B 174 16.69 2.41 -7.52
N VAL B 175 16.94 3.64 -7.04
CA VAL B 175 15.87 4.58 -6.72
C VAL B 175 15.41 5.25 -8.02
N HIS B 176 14.37 6.08 -7.92
CA HIS B 176 13.64 6.53 -9.09
C HIS B 176 13.59 8.04 -9.13
N ALA B 177 13.44 8.58 -10.34
CA ALA B 177 13.32 10.02 -10.55
C ALA B 177 12.21 10.30 -11.54
N GLY B 178 11.62 11.49 -11.39
CA GLY B 178 10.49 11.89 -12.20
C GLY B 178 10.23 13.37 -12.08
N THR B 179 9.12 13.80 -12.66
CA THR B 179 8.81 15.22 -12.77
C THR B 179 7.50 15.52 -12.02
N ASP B 180 7.22 16.83 -11.85
CA ASP B 180 5.86 17.28 -11.59
C ASP B 180 5.05 17.24 -12.88
N LEU B 181 3.77 17.57 -12.80
CA LEU B 181 2.93 17.44 -13.99
C LEU B 181 3.12 18.58 -14.96
N GLU B 182 3.97 19.55 -14.63
CA GLU B 182 4.47 20.51 -15.61
C GLU B 182 5.76 20.06 -16.28
N GLY B 183 6.26 18.87 -15.97
CA GLY B 183 7.44 18.32 -16.64
C GLY B 183 8.77 18.74 -16.08
N ASN B 184 8.79 19.45 -14.96
CA ASN B 184 10.06 19.81 -14.32
C ASN B 184 10.49 18.68 -13.40
N PHE B 185 11.71 18.19 -13.59
CA PHE B 185 12.19 17.12 -12.73
C PHE B 185 12.24 17.58 -11.28
N TYR B 186 11.93 16.66 -10.38
CA TYR B 186 12.41 16.78 -9.02
C TYR B 186 13.88 16.43 -9.00
N GLY B 187 14.68 17.31 -8.39
CA GLY B 187 16.10 17.07 -8.25
C GLY B 187 16.89 17.44 -9.50
N PRO B 188 18.17 17.08 -9.52
CA PRO B 188 19.07 17.50 -10.61
C PRO B 188 19.03 16.64 -11.86
N PHE B 189 18.04 15.80 -12.04
CA PHE B 189 18.11 14.78 -13.06
C PHE B 189 17.59 15.29 -14.40
N VAL B 190 17.99 14.57 -15.45
CA VAL B 190 17.59 14.84 -16.83
C VAL B 190 17.19 13.52 -17.46
N ASP B 191 16.25 13.59 -18.42
CA ASP B 191 15.72 12.38 -19.08
C ASP B 191 16.62 12.01 -20.26
N ARG B 192 17.79 11.47 -19.90
CA ARG B 192 18.65 10.79 -20.85
C ARG B 192 19.30 9.63 -20.13
N GLN B 193 19.57 8.56 -20.89
CA GLN B 193 19.95 7.27 -20.33
C GLN B 193 21.45 7.23 -20.11
N THR B 194 21.86 8.00 -19.11
CA THR B 194 23.23 8.09 -18.63
C THR B 194 23.23 8.02 -17.12
N ALA B 195 24.34 7.54 -16.57
CA ALA B 195 24.52 7.51 -15.13
C ALA B 195 24.47 8.92 -14.56
N GLN B 196 23.71 9.07 -13.49
CA GLN B 196 23.49 10.37 -12.87
C GLN B 196 23.56 10.26 -11.35
N ALA B 197 24.25 11.21 -10.74
CA ALA B 197 24.46 11.20 -9.30
C ALA B 197 23.20 11.72 -8.62
N ALA B 198 22.61 10.91 -7.76
CA ALA B 198 21.70 11.43 -6.75
C ALA B 198 22.52 11.77 -5.53
N GLY B 199 22.14 12.82 -4.83
CA GLY B 199 22.93 13.22 -3.68
C GLY B 199 22.98 12.14 -2.61
N THR B 200 23.90 12.33 -1.68
CA THR B 200 23.73 11.74 -0.37
C THR B 200 22.29 11.95 0.10
N ASP B 201 21.64 10.88 0.46
CA ASP B 201 20.32 11.04 1.05
C ASP B 201 20.46 11.31 2.55
N THR B 202 19.38 11.80 3.14
CA THR B 202 19.32 12.01 4.58
C THR B 202 18.01 11.46 5.09
N THR B 203 17.96 11.20 6.38
CA THR B 203 16.73 10.73 7.01
C THR B 203 15.83 11.91 7.36
N ILE B 204 14.53 11.72 7.15
CA ILE B 204 13.56 12.78 7.39
C ILE B 204 13.17 12.77 8.86
N THR B 205 13.89 13.56 9.64
CA THR B 205 13.79 13.49 11.10
C THR B 205 12.36 13.65 11.60
N VAL B 206 11.63 14.63 11.07
CA VAL B 206 10.30 14.89 11.57
C VAL B 206 9.40 13.70 11.30
N ASN B 207 9.64 13.00 10.18
CA ASN B 207 8.85 11.80 9.93
C ASN B 207 9.21 10.71 10.91
N VAL B 208 10.47 10.60 11.33
CA VAL B 208 10.82 9.54 12.26
C VAL B 208 10.11 9.78 13.58
N LEU B 209 10.05 11.04 14.00
CA LEU B 209 9.34 11.37 15.23
C LEU B 209 7.86 11.04 15.10
N ALA B 210 7.26 11.38 13.95
CA ALA B 210 5.83 11.10 13.77
C ALA B 210 5.57 9.62 13.95
N TRP B 211 6.50 8.80 13.47
CA TRP B 211 6.38 7.35 13.55
C TRP B 211 6.56 6.85 14.98
N LEU B 212 7.43 7.49 15.78
CA LEU B 212 7.54 7.11 17.19
C LEU B 212 6.29 7.49 17.96
N TYR B 213 5.68 8.62 17.61
CA TYR B 213 4.37 8.93 18.16
C TYR B 213 3.35 7.88 17.74
N ALA B 214 3.36 7.50 16.45
CA ALA B 214 2.46 6.44 16.01
C ALA B 214 2.67 5.18 16.85
N ALA B 215 3.93 4.87 17.16
CA ALA B 215 4.22 3.67 17.96
C ALA B 215 3.66 3.82 19.37
N VAL B 216 3.86 4.98 19.97
CA VAL B 216 3.31 5.24 21.30
C VAL B 216 1.80 5.10 21.26
N ILE B 217 1.17 5.77 20.30
CA ILE B 217 -0.28 5.69 20.12
C ILE B 217 -0.76 4.25 20.08
N ASN B 218 0.05 3.33 19.56
CA ASN B 218 -0.31 1.93 19.39
C ASN B 218 0.17 1.04 20.53
N GLY B 219 0.68 1.62 21.62
CA GLY B 219 1.04 0.84 22.78
C GLY B 219 2.47 0.36 22.81
N ASP B 220 3.26 0.64 21.78
CA ASP B 220 4.67 0.25 21.74
C ASP B 220 5.47 1.39 22.35
N ARG B 221 5.95 1.20 23.58
CA ARG B 221 6.53 2.31 24.35
C ARG B 221 7.90 2.02 24.93
N TRP B 222 8.55 0.91 24.56
CA TRP B 222 9.78 0.52 25.24
C TRP B 222 10.88 1.57 25.06
N PHE B 223 10.96 2.17 23.87
CA PHE B 223 12.03 3.09 23.56
C PHE B 223 11.97 4.39 24.37
N LEU B 224 10.88 4.68 25.06
CA LEU B 224 10.76 5.95 25.77
C LEU B 224 11.66 5.96 27.00
N ASN B 225 12.23 7.13 27.30
CA ASN B 225 13.15 7.26 28.44
C ASN B 225 12.87 8.47 29.35
N PHE B 227 15.12 10.57 30.26
CA PHE B 227 16.03 11.61 29.77
C PHE B 227 15.27 12.63 28.92
N THR B 228 15.89 13.78 28.69
CA THR B 228 15.39 14.77 27.75
C THR B 228 16.61 15.38 27.04
N THR B 229 16.36 16.39 26.22
CA THR B 229 17.44 17.04 25.47
C THR B 229 16.97 18.38 24.93
N THR B 230 17.92 19.11 24.35
CA THR B 230 17.69 20.40 23.73
C THR B 230 17.66 20.24 22.22
N LEU B 231 16.99 21.19 21.56
CA LEU B 231 16.92 21.15 20.10
C LEU B 231 18.30 21.26 19.50
N ASN B 232 19.12 22.16 20.02
CA ASN B 232 20.48 22.29 19.53
C ASN B 232 21.31 21.04 19.84
N ASP B 233 21.04 20.37 20.97
CA ASP B 233 21.81 19.18 21.31
C ASP B 233 21.40 17.96 20.50
N PHE B 234 20.11 17.86 20.16
CA PHE B 234 19.65 16.78 19.30
C PHE B 234 20.25 16.91 17.91
N ASN B 235 20.23 18.11 17.35
CA ASN B 235 20.77 18.30 16.02
C ASN B 235 22.26 18.02 15.97
N LEU B 236 22.98 18.23 17.09
CA LEU B 236 24.37 17.79 17.13
C LEU B 236 24.47 16.30 16.83
N VAL B 237 23.51 15.54 17.32
CA VAL B 237 23.48 14.10 17.12
C VAL B 237 22.85 13.75 15.78
N ALA B 238 21.85 14.53 15.34
CA ALA B 238 21.22 14.26 14.05
C ALA B 238 22.22 14.46 12.92
N MET B 239 22.94 15.59 12.96
CA MET B 239 23.97 15.83 11.97
C MET B 239 24.92 14.64 11.86
N LYS B 240 25.28 14.04 13.00
CA LYS B 240 26.22 12.93 12.98
C LYS B 240 25.69 11.77 12.14
N TYR B 241 24.40 11.44 12.32
CA TYR B 241 23.79 10.27 11.69
C TYR B 241 23.09 10.59 10.37
N ASN B 242 23.38 11.75 9.77
CA ASN B 242 22.75 12.15 8.51
C ASN B 242 21.23 12.21 8.66
N TYR B 243 20.79 12.79 9.75
CA TYR B 243 19.40 13.16 9.92
C TYR B 243 19.20 14.61 9.51
N GLU B 244 18.05 14.89 8.91
CA GLU B 244 17.62 16.27 8.69
C GLU B 244 17.63 16.99 10.05
N PRO B 245 18.08 18.23 10.10
CA PRO B 245 17.99 18.96 11.37
C PRO B 245 16.54 19.33 11.68
N LEU B 246 16.22 19.33 12.97
CA LEU B 246 14.86 19.61 13.42
C LEU B 246 14.71 21.09 13.75
N THR B 247 13.70 21.71 13.17
CA THR B 247 13.33 23.09 13.43
C THR B 247 12.18 23.15 14.41
N GLN B 248 11.87 24.38 14.86
CA GLN B 248 10.67 24.61 15.65
C GLN B 248 9.41 24.47 14.81
N ASP B 249 9.48 24.82 13.53
CA ASP B 249 8.36 24.53 12.64
C ASP B 249 8.04 23.05 12.68
N HIS B 250 9.07 22.19 12.71
CA HIS B 250 8.85 20.76 12.86
C HIS B 250 8.20 20.44 14.21
N VAL B 251 8.74 20.99 15.29
CA VAL B 251 8.17 20.80 16.62
C VAL B 251 6.67 21.08 16.57
N ASP B 252 6.29 22.16 15.92
CA ASP B 252 4.90 22.59 15.91
C ASP B 252 4.05 21.74 14.98
N ILE B 253 4.63 21.27 13.88
CA ILE B 253 3.95 20.32 13.01
C ILE B 253 3.65 19.03 13.80
N LEU B 254 4.52 18.66 14.72
CA LEU B 254 4.25 17.49 15.55
C LEU B 254 3.27 17.78 16.70
N GLY B 255 2.76 18.99 16.79
CA GLY B 255 1.91 19.40 17.89
C GLY B 255 0.73 18.49 18.13
N PRO B 256 -0.07 18.21 17.10
CA PRO B 256 -1.20 17.29 17.28
C PRO B 256 -0.81 15.95 17.89
N LEU B 257 0.28 15.35 17.43
CA LEU B 257 0.73 14.09 18.02
C LEU B 257 1.27 14.30 19.43
N SER B 258 2.06 15.37 19.63
CA SER B 258 2.50 15.70 20.98
C SER B 258 1.30 15.78 21.92
N ALA B 259 0.22 16.40 21.46
CA ALA B 259 -0.93 16.64 22.32
C ALA B 259 -1.70 15.36 22.58
N GLN B 260 -1.95 14.57 21.53
CA GLN B 260 -2.66 13.31 21.68
C GLN B 260 -1.94 12.36 22.63
N THR B 261 -0.62 12.47 22.74
CA THR B 261 0.15 11.53 23.55
C THR B 261 0.57 12.07 24.91
N GLY B 262 0.63 13.38 25.07
CA GLY B 262 1.21 13.93 26.26
C GLY B 262 2.71 13.81 26.35
N ILE B 263 3.40 13.55 25.23
CA ILE B 263 4.84 13.42 25.21
C ILE B 263 5.42 14.63 24.50
N ALA B 264 6.28 15.36 25.20
CA ALA B 264 6.90 16.55 24.63
C ALA B 264 7.88 16.14 23.54
N VAL B 265 7.83 16.87 22.43
CA VAL B 265 8.69 16.56 21.28
C VAL B 265 10.11 16.32 21.75
N LEU B 266 10.62 17.21 22.59
CA LEU B 266 12.02 17.12 22.96
C LEU B 266 12.29 15.87 23.77
N ASP B 267 11.30 15.38 24.51
CA ASP B 267 11.44 14.11 25.18
C ASP B 267 11.55 12.99 24.15
N MET B 268 10.64 12.99 23.17
CA MET B 268 10.75 12.04 22.06
C MET B 268 12.11 12.12 21.38
N CYS B 269 12.63 13.34 21.19
CA CYS B 269 13.99 13.48 20.66
C CYS B 269 15.03 12.77 21.51
N ALA B 270 14.93 12.91 22.83
CA ALA B 270 15.86 12.24 23.74
C ALA B 270 15.90 10.75 23.47
N SER B 271 14.73 10.12 23.36
CA SER B 271 14.69 8.70 23.06
C SER B 271 15.27 8.41 21.69
N LEU B 272 15.06 9.33 20.72
CA LEU B 272 15.61 9.11 19.38
C LEU B 272 17.13 9.15 19.40
N LYS B 273 17.72 10.14 20.07
CA LYS B 273 19.16 10.13 20.29
C LYS B 273 19.61 8.79 20.89
N GLU B 274 18.85 8.26 21.84
CA GLU B 274 19.20 6.99 22.43
C GLU B 274 19.19 5.88 21.38
N LEU B 275 18.16 5.83 20.55
CA LEU B 275 18.08 4.79 19.50
C LEU B 275 19.15 4.98 18.43
N LEU B 276 19.42 6.23 18.05
CA LEU B 276 20.50 6.46 17.09
C LEU B 276 21.84 6.09 17.68
N GLN B 277 22.06 6.45 18.95
CA GLN B 277 23.34 6.19 19.62
C GLN B 277 23.48 4.71 19.96
N ASN B 278 22.44 4.12 20.54
CA ASN B 278 22.52 2.75 21.04
C ASN B 278 22.01 1.70 20.06
N GLY B 279 21.06 2.04 19.20
CA GLY B 279 20.39 1.04 18.38
C GLY B 279 19.21 0.44 19.10
N MET B 280 18.60 -0.56 18.45
CA MET B 280 17.37 -1.17 18.95
C MET B 280 17.61 -2.53 19.62
N ASN B 281 18.86 -2.83 19.98
CA ASN B 281 19.20 -3.98 20.82
C ASN B 281 18.37 -5.22 20.49
N GLY B 282 17.91 -5.32 19.25
CA GLY B 282 17.08 -6.41 18.83
C GLY B 282 15.60 -6.15 18.95
N ARG B 283 15.19 -5.24 19.82
CA ARG B 283 13.79 -4.87 19.91
C ARG B 283 13.31 -4.34 18.56
N THR B 284 12.00 -4.15 18.46
CA THR B 284 11.41 -3.64 17.23
C THR B 284 10.33 -2.63 17.59
N ILE B 285 10.03 -1.74 16.64
CA ILE B 285 9.03 -0.69 16.83
C ILE B 285 8.00 -0.80 15.71
N LEU B 286 6.74 -0.96 16.09
CA LEU B 286 5.67 -1.17 15.11
C LEU B 286 6.06 -2.21 14.06
N GLY B 287 6.68 -3.29 14.52
CA GLY B 287 7.00 -4.40 13.65
C GLY B 287 8.17 -4.17 12.72
N SER B 288 8.86 -3.04 12.82
CA SER B 288 10.04 -2.78 12.03
C SER B 288 11.27 -2.85 12.91
N ALA B 289 12.39 -3.29 12.33
CA ALA B 289 13.66 -3.35 13.03
C ALA B 289 14.55 -2.16 12.67
N LEU B 290 14.00 -1.16 11.99
CA LEU B 290 14.70 0.08 11.68
C LEU B 290 13.78 1.26 11.96
N LEU B 291 14.35 2.46 11.90
CA LEU B 291 13.60 3.69 12.10
C LEU B 291 12.99 4.16 10.79
N GLU B 292 11.65 4.19 10.74
CA GLU B 292 10.89 4.48 9.52
C GLU B 292 10.71 5.98 9.35
N ASP B 293 11.00 6.50 8.15
CA ASP B 293 10.91 7.95 7.93
C ASP B 293 10.06 8.33 6.72
N GLU B 294 9.15 7.47 6.28
CA GLU B 294 8.25 7.82 5.19
C GLU B 294 6.79 7.91 5.64
N PHE B 295 6.57 8.28 6.90
CA PHE B 295 5.24 8.69 7.39
C PHE B 295 5.35 10.12 7.90
N THR B 296 4.61 11.04 7.28
CA THR B 296 4.55 12.39 7.79
C THR B 296 3.68 12.44 9.06
N PRO B 297 3.83 13.51 9.84
CA PRO B 297 2.85 13.80 10.89
C PRO B 297 1.44 13.75 10.37
N PHE B 298 1.18 14.39 9.23
CA PHE B 298 -0.12 14.28 8.58
C PHE B 298 -0.51 12.82 8.37
N ASP B 299 0.36 12.02 7.74
CA ASP B 299 0.03 10.60 7.53
C ASP B 299 -0.40 9.94 8.83
N VAL B 300 0.35 10.17 9.90
CA VAL B 300 0.09 9.49 11.17
C VAL B 300 -1.28 9.90 11.72
N VAL B 301 -1.56 11.20 11.74
CA VAL B 301 -2.89 11.68 12.13
C VAL B 301 -3.97 10.99 11.29
N ARG B 302 -3.84 11.04 9.96
CA ARG B 302 -4.83 10.37 9.11
C ARG B 302 -5.11 8.95 9.58
N GLN B 303 -4.06 8.21 9.94
CA GLN B 303 -4.20 6.81 10.29
C GLN B 303 -4.47 6.58 11.77
N CYS B 304 -4.75 7.63 12.53
CA CYS B 304 -5.07 7.47 13.96
C CYS B 304 -6.13 8.50 14.39
C01 YKA C . -11.55 -3.55 20.53
C02 YKA C . -12.31 -4.58 21.36
C04 YKA C . -13.98 -5.10 19.59
C06 YKA C . -15.76 -5.30 17.95
C07 YKA C . -17.27 -5.62 17.87
C08 YKA C . -17.72 -6.88 18.62
C09 YKA C . -16.89 -8.10 18.22
C10 YKA C . -19.21 -7.16 18.46
C11 YKA C . -15.49 -3.95 17.29
C13 YKA C . -14.91 -2.51 15.29
C14 YKA C . -13.42 -2.41 14.87
C15 YKA C . -12.43 -2.77 16.00
C16 YKA C . -10.96 -2.78 15.60
C18 YKA C . -11.05 -1.14 17.34
C19 YKA C . -12.46 -1.76 17.15
C21 YKA C . -15.87 -2.35 14.05
C25 YKA C . -12.45 -3.97 22.79
C26 YKA C . -11.61 -5.95 21.46
C27 YKA C . -10.40 -6.17 22.41
C28 YKA C . -9.73 -7.52 22.30
C29 YKA C . -10.74 -8.67 22.54
C32 YKA C . -12.01 -8.46 21.67
C33 YKA C . -12.58 -7.08 21.83
F30 YKA C . -10.15 -9.86 22.30
F31 YKA C . -11.11 -8.75 23.84
N05 YKA C . -15.33 -5.22 19.31
N12 YKA C . -15.20 -3.81 15.94
N17 YKA C . -10.24 -1.87 16.37
O03 YKA C . -13.64 -4.73 20.88
O20 YKA C . -10.46 -3.49 14.74
O22 YKA C . -17.15 -2.33 14.61
O23 YKA C . -15.53 -2.96 18.00
O24 YKA C . -13.11 -5.35 18.73
C14 YKD D . -13.46 -2.44 14.90
C15 YKD D . -12.45 -2.77 16.02
C16 YKD D . -10.98 -2.77 15.60
C18 YKD D . -11.05 -1.14 17.34
C19 YKD D . -12.47 -1.75 17.15
C25 YKD D . -12.44 -3.97 22.79
C26 YKD D . -11.60 -5.96 21.47
C28 YKD D . -9.71 -7.51 22.31
C01 YKD D . -11.54 -3.56 20.54
C02 YKD D . -12.30 -4.58 21.36
C04 YKD D . -13.97 -5.12 19.62
C06 YKD D . -15.76 -5.33 17.97
C07 YKD D . -17.27 -5.66 17.92
C08 YKD D . -17.71 -6.92 18.64
C09 YKD D . -16.89 -8.13 18.21
C10 YKD D . -19.20 -7.20 18.48
C11 YKD D . -15.52 -3.98 17.33
C13 YKD D . -14.96 -2.55 15.33
C21 YKD D . -15.94 -2.40 14.11
C27 YKD D . -10.40 -6.16 22.42
C29 YKD D . -10.73 -8.67 22.55
C32 YKD D . -12.00 -8.47 21.67
C33 YKD D . -12.57 -7.07 21.83
F30 YKD D . -10.15 -9.85 22.31
F31 YKD D . -11.10 -8.74 23.84
N05 YKD D . -15.32 -5.26 19.35
N12 YKD D . -15.23 -3.84 15.98
N17 YKD D . -10.25 -1.87 16.35
O03 YKD D . -13.64 -4.73 20.89
O20 YKD D . -10.48 -3.47 14.73
O22 YKD D . -15.63 -1.19 13.48
O23 YKD D . -15.57 -2.99 18.04
O24 YKD D . -13.11 -5.37 18.75
C01 YKA E . 17.19 1.93 -16.34
C02 YKA E . 18.08 2.95 -17.03
C04 YKA E . 16.28 4.48 -17.79
C06 YKA E . 14.43 5.73 -18.78
C07 YKA E . 14.12 6.60 -20.03
C08 YKA E . 15.15 7.66 -20.39
C09 YKA E . 15.48 8.56 -19.20
C10 YKA E . 14.76 8.50 -21.59
C11 YKA E . 13.39 4.62 -18.69
C13 YKA E . 11.17 3.70 -17.97
C14 YKA E . 11.09 3.16 -16.50
C15 YKA E . 12.46 2.74 -15.93
C16 YKA E . 12.47 2.32 -14.46
C18 YKA E . 13.67 0.58 -15.55
C19 YKA E . 12.99 1.49 -16.61
C21 YKA E . 9.83 4.27 -18.45
C25 YKA E . 19.14 2.14 -17.84
C26 YKA E . 18.79 3.89 -16.05
C27 YKA E . 19.99 3.39 -15.22
C28 YKA E . 20.57 4.38 -14.22
C29 YKA E . 21.00 5.69 -14.91
C32 YKA E . 19.84 6.23 -15.79
C33 YKA E . 19.29 5.17 -16.72
F30 YKA E . 21.37 6.60 -13.97
F31 YKA E . 22.10 5.52 -15.67
N05 YKA E . 15.74 5.12 -18.89
N12 YKA E . 12.16 4.77 -18.09
N17 YKA E . 13.15 1.11 -14.30
O03 YKA E . 17.37 3.68 -18.03
O20 YKA E . 11.98 2.93 -13.52
O22 YKA E . 10.07 4.66 -19.78
O23 YKA E . 13.69 3.54 -19.18
O24 YKA E . 15.83 4.66 -16.65
C14 YKD F . 11.13 3.17 -16.51
C15 YKD F . 12.50 2.72 -15.94
C16 YKD F . 12.50 2.31 -14.47
C18 YKD F . 13.69 0.57 -15.54
C19 YKD F . 12.99 1.45 -16.61
C25 YKD F . 19.14 2.14 -17.84
C26 YKD F . 18.79 3.89 -16.05
C28 YKD F . 20.57 4.36 -14.21
C01 YKD F . 17.19 1.92 -16.34
C02 YKD F . 18.08 2.95 -17.03
C04 YKD F . 16.30 4.50 -17.79
C06 YKD F . 14.45 5.75 -18.78
C07 YKD F . 14.14 6.61 -20.04
C08 YKD F . 15.16 7.68 -20.39
C09 YKD F . 15.48 8.58 -19.21
C10 YKD F . 14.76 8.52 -21.60
C11 YKD F . 13.42 4.64 -18.68
C13 YKD F . 11.21 3.71 -17.97
C21 YKD F . 9.86 4.25 -18.46
C27 YKD F . 19.99 3.38 -15.22
C29 YKD F . 21.00 5.68 -14.90
C32 YKD F . 19.85 6.21 -15.78
C33 YKD F . 19.30 5.17 -16.72
F30 YKD F . 21.37 6.58 -13.95
F31 YKD F . 22.10 5.50 -15.65
N05 YKD F . 15.76 5.16 -18.89
N12 YKD F . 12.20 4.79 -18.10
N17 YKD F . 13.17 1.10 -14.30
O03 YKD F . 17.37 3.68 -18.03
O20 YKD F . 12.01 2.94 -13.54
O22 YKD F . 8.91 3.18 -18.29
O23 YKD F . 13.76 3.54 -19.13
O24 YKD F . 15.83 4.66 -16.65
#